data_2YW2
#
_entry.id   2YW2
#
_cell.length_a   45.797
_cell.length_b   61.623
_cell.length_c   89.963
_cell.angle_alpha   97.65
_cell.angle_beta   102.98
_cell.angle_gamma   106.65
#
_symmetry.space_group_name_H-M   'P 1'
#
loop_
_entity.id
_entity.type
_entity.pdbx_description
1 polymer 'Phosphoribosylamine--glycine ligase'
2 non-polymer 'PHOSPHATE ION'
3 non-polymer "ADENOSINE-5'-TRIPHOSPHATE"
4 water water
#
_entity_poly.entity_id   1
_entity_poly.type   'polypeptide(L)'
_entity_poly.pdbx_seq_one_letter_code
;MKVLVVGNGGREHAIAWKVAQSPLVKELYVAKGNAGIWEIAKRVDISPTDVEKLAEFAKNEGVDFTIVGPEAPLVEGIVD
EFEKRGLKIFGPNKEAAKLEGSKAFAKTFMKKYGIPTARYEVFTDFEKAKEYVEKVGAPIVVKADGLAAGKGAVVCETVE
KAIETLDRFLNKKIFGKSSERVVIEEFLEGEEASYIVMINGDRYVPLPTSQDHKRLLDEDKGPNTGGMGAYSPTPVINEE
VEKRIREEIVERVIKGLKEEGIYYRGFLYAGLMITKEGPKVLEFNVRLGDPEAQPILMRVKNDFLETLLNFYEGKDVHIK
EDERYALDVVLASRGYPEKPETGKIIHGLDYLKSMEDVVVFHAGTKKEGNFTVTSGGRVLNVCAYGKTLKEAKERAYEAI
RYVCFEGMHYRKDIGDKAFKYLSE
;
_entity_poly.pdbx_strand_id   A,B
#
# COMPACT_ATOMS: atom_id res chain seq x y z
N MET A 1 -3.79 27.78 14.87
CA MET A 1 -4.93 26.89 15.25
C MET A 1 -4.83 26.48 16.72
N LYS A 2 -5.95 26.05 17.28
CA LYS A 2 -6.00 25.61 18.67
C LYS A 2 -5.91 24.09 18.71
N VAL A 3 -4.97 23.58 19.51
CA VAL A 3 -4.78 22.14 19.65
C VAL A 3 -4.97 21.73 21.10
N LEU A 4 -5.69 20.62 21.31
CA LEU A 4 -5.95 20.12 22.65
C LEU A 4 -5.36 18.72 22.80
N VAL A 5 -4.63 18.51 23.89
CA VAL A 5 -4.04 17.20 24.18
C VAL A 5 -4.77 16.67 25.40
N VAL A 6 -5.29 15.45 25.31
CA VAL A 6 -6.03 14.86 26.43
C VAL A 6 -5.15 13.85 27.18
N GLY A 7 -4.96 14.07 28.47
CA GLY A 7 -4.14 13.16 29.26
C GLY A 7 -3.30 13.90 30.28
N ASN A 8 -2.77 13.16 31.27
CA ASN A 8 -1.99 13.81 32.32
C ASN A 8 -0.59 13.24 32.55
N GLY A 9 -0.13 12.34 31.70
CA GLY A 9 1.18 11.74 31.92
C GLY A 9 2.36 12.12 31.04
N GLY A 10 3.38 11.26 31.09
CA GLY A 10 4.58 11.48 30.31
C GLY A 10 4.37 11.42 28.81
N ARG A 11 3.49 10.51 28.38
CA ARG A 11 3.17 10.36 26.98
C ARG A 11 2.58 11.67 26.47
N GLU A 12 1.71 12.27 27.27
CA GLU A 12 1.08 13.53 26.88
C GLU A 12 2.08 14.69 26.90
N HIS A 13 3.07 14.65 27.80
CA HIS A 13 4.05 15.72 27.81
C HIS A 13 4.85 15.60 26.52
N ALA A 14 5.18 14.37 26.12
CA ALA A 14 5.92 14.14 24.89
C ALA A 14 5.12 14.64 23.69
N ILE A 15 3.82 14.35 23.70
CA ILE A 15 2.94 14.79 22.61
C ILE A 15 2.90 16.31 22.53
N ALA A 16 2.62 16.95 23.66
CA ALA A 16 2.54 18.41 23.72
C ALA A 16 3.86 19.06 23.34
N TRP A 17 4.95 18.47 23.81
CA TRP A 17 6.30 18.96 23.54
C TRP A 17 6.58 18.98 22.04
N LYS A 18 6.16 17.92 21.36
CA LYS A 18 6.36 17.81 19.92
C LYS A 18 5.45 18.80 19.19
N VAL A 19 4.19 18.85 19.59
CA VAL A 19 3.23 19.75 18.97
C VAL A 19 3.66 21.22 19.11
N ALA A 20 4.23 21.57 20.26
CA ALA A 20 4.67 22.93 20.52
C ALA A 20 5.83 23.37 19.61
N GLN A 21 6.45 22.42 18.92
CA GLN A 21 7.56 22.74 18.02
C GLN A 21 7.03 23.17 16.65
N SER A 22 5.75 22.96 16.42
CA SER A 22 5.14 23.31 15.14
C SER A 22 4.72 24.77 15.03
N PRO A 23 5.02 25.39 13.88
CA PRO A 23 4.69 26.79 13.64
C PRO A 23 3.18 26.97 13.40
N LEU A 24 2.47 25.84 13.31
CA LEU A 24 1.03 25.87 13.07
C LEU A 24 0.19 26.21 14.29
N VAL A 25 0.57 25.66 15.45
CA VAL A 25 -0.19 25.89 16.68
C VAL A 25 0.00 27.29 17.27
N LYS A 26 -1.12 27.93 17.61
CA LYS A 26 -1.09 29.27 18.19
C LYS A 26 -1.54 29.21 19.65
N GLU A 27 -2.35 28.21 19.98
CA GLU A 27 -2.84 28.02 21.34
C GLU A 27 -2.86 26.53 21.64
N LEU A 28 -2.13 26.12 22.66
CA LEU A 28 -2.08 24.70 23.02
C LEU A 28 -2.75 24.49 24.38
N TYR A 29 -3.62 23.48 24.44
CA TYR A 29 -4.34 23.16 25.67
C TYR A 29 -4.10 21.71 26.06
N VAL A 30 -4.17 21.44 27.35
CA VAL A 30 -4.03 20.07 27.85
C VAL A 30 -5.09 19.89 28.94
N ALA A 31 -5.76 18.75 28.89
CA ALA A 31 -6.78 18.46 29.89
C ALA A 31 -6.42 17.15 30.55
N LYS A 32 -5.88 16.96 31.73
CA LYS A 32 -5.67 18.07 32.63
C LYS A 32 -4.22 18.50 32.45
N GLY A 33 -3.35 17.49 32.33
CA GLY A 33 -1.91 17.53 32.09
C GLY A 33 -1.18 17.45 33.41
N ASN A 34 -0.03 18.09 33.52
CA ASN A 34 0.76 18.09 34.76
C ASN A 34 1.68 19.31 34.79
N ALA A 35 2.44 19.45 35.87
CA ALA A 35 3.34 20.59 36.04
C ALA A 35 4.25 20.84 34.86
N GLY A 36 4.82 19.77 34.32
CA GLY A 36 5.72 19.90 33.19
C GLY A 36 5.04 20.41 31.93
N ILE A 37 3.87 19.86 31.64
CA ILE A 37 3.14 20.28 30.45
C ILE A 37 2.60 21.70 30.57
N TRP A 38 2.30 22.14 31.79
CA TRP A 38 1.76 23.49 31.98
C TRP A 38 2.77 24.59 31.65
N GLU A 39 4.02 24.22 31.38
CA GLU A 39 5.02 25.22 31.03
C GLU A 39 4.85 25.59 29.56
N ILE A 40 4.16 24.73 28.82
CA ILE A 40 3.96 24.97 27.39
C ILE A 40 2.53 24.86 26.91
N ALA A 41 1.61 24.54 27.81
CA ALA A 41 0.20 24.40 27.45
C ALA A 41 -0.74 24.94 28.52
N LYS A 42 -1.89 25.41 28.08
CA LYS A 42 -2.90 25.95 28.99
C LYS A 42 -3.64 24.79 29.66
N ARG A 43 -3.75 24.86 30.98
CA ARG A 43 -4.43 23.83 31.75
C ARG A 43 -5.94 23.88 31.66
N VAL A 44 -6.53 22.75 31.29
CA VAL A 44 -7.98 22.63 31.18
C VAL A 44 -8.41 21.70 32.31
N ASP A 45 -9.11 22.26 33.30
CA ASP A 45 -9.54 21.49 34.45
C ASP A 45 -10.70 20.54 34.22
N ILE A 46 -10.48 19.57 33.32
CA ILE A 46 -11.50 18.58 33.01
C ILE A 46 -10.79 17.23 32.91
N SER A 47 -11.25 16.25 33.70
CA SER A 47 -10.65 14.92 33.68
C SER A 47 -10.74 14.30 32.30
N PRO A 48 -9.69 13.58 31.86
CA PRO A 48 -9.69 12.94 30.54
C PRO A 48 -10.87 11.99 30.33
N THR A 49 -11.42 11.43 31.40
CA THR A 49 -12.54 10.50 31.28
C THR A 49 -13.92 11.15 31.30
N ASP A 50 -13.96 12.47 31.49
CA ASP A 50 -15.23 13.19 31.48
C ASP A 50 -15.38 13.57 30.01
N VAL A 51 -15.54 12.55 29.18
CA VAL A 51 -15.63 12.72 27.73
C VAL A 51 -16.67 13.69 27.19
N GLU A 52 -17.86 13.71 27.76
CA GLU A 52 -18.89 14.62 27.27
C GLU A 52 -18.49 16.06 27.57
N LYS A 53 -17.95 16.28 28.77
CA LYS A 53 -17.54 17.62 29.18
C LYS A 53 -16.36 18.12 28.36
N LEU A 54 -15.45 17.22 28.00
CA LEU A 54 -14.29 17.59 27.18
C LEU A 54 -14.76 18.00 25.78
N ALA A 55 -15.69 17.24 25.24
CA ALA A 55 -16.22 17.53 23.91
C ALA A 55 -16.92 18.90 23.92
N GLU A 56 -17.67 19.16 24.98
CA GLU A 56 -18.38 20.44 25.10
C GLU A 56 -17.38 21.60 25.19
N PHE A 57 -16.28 21.38 25.91
CA PHE A 57 -15.25 22.39 26.05
C PHE A 57 -14.62 22.70 24.69
N ALA A 58 -14.16 21.65 24.02
CA ALA A 58 -13.54 21.79 22.71
C ALA A 58 -14.44 22.55 21.74
N LYS A 59 -15.73 22.24 21.79
CA LYS A 59 -16.70 22.89 20.91
C LYS A 59 -16.82 24.38 21.24
N ASN A 60 -17.05 24.70 22.51
CA ASN A 60 -17.20 26.09 22.94
C ASN A 60 -15.92 26.89 22.78
N GLU A 61 -14.78 26.24 23.04
CA GLU A 61 -13.49 26.91 22.94
C GLU A 61 -13.02 26.99 21.49
N GLY A 62 -13.64 26.20 20.62
CA GLY A 62 -13.27 26.21 19.22
C GLY A 62 -11.97 25.49 18.91
N VAL A 63 -11.73 24.38 19.60
CA VAL A 63 -10.52 23.60 19.38
C VAL A 63 -10.55 23.01 17.97
N ASP A 64 -9.47 23.24 17.23
CA ASP A 64 -9.37 22.77 15.85
C ASP A 64 -8.92 21.33 15.71
N PHE A 65 -8.11 20.84 16.63
CA PHE A 65 -7.62 19.47 16.55
C PHE A 65 -7.34 18.95 17.96
N THR A 66 -7.78 17.73 18.22
CA THR A 66 -7.58 17.12 19.53
C THR A 66 -6.84 15.79 19.38
N ILE A 67 -5.85 15.58 20.24
CA ILE A 67 -5.06 14.35 20.22
C ILE A 67 -5.22 13.66 21.57
N VAL A 68 -5.70 12.42 21.57
CA VAL A 68 -5.93 11.69 22.81
C VAL A 68 -4.77 10.78 23.21
N GLY A 69 -4.32 10.95 24.45
CA GLY A 69 -3.21 10.17 24.96
C GLY A 69 -3.55 8.81 25.55
N PRO A 70 -4.32 8.76 26.66
CA PRO A 70 -4.71 7.52 27.34
C PRO A 70 -5.86 6.69 26.77
N GLU A 71 -5.89 5.42 27.18
CA GLU A 71 -6.88 4.48 26.72
C GLU A 71 -8.32 4.65 27.25
N ALA A 72 -8.46 4.99 28.53
CA ALA A 72 -9.79 5.12 29.12
C ALA A 72 -10.76 5.98 28.31
N PRO A 73 -10.38 7.22 27.99
CA PRO A 73 -11.26 8.10 27.21
C PRO A 73 -11.66 7.49 25.87
N LEU A 74 -10.72 6.78 25.23
CA LEU A 74 -11.00 6.17 23.94
C LEU A 74 -12.00 5.03 24.06
N VAL A 75 -11.76 4.15 25.01
CA VAL A 75 -12.65 3.03 25.23
C VAL A 75 -14.04 3.55 25.62
N GLU A 76 -14.08 4.72 26.23
CA GLU A 76 -15.34 5.31 26.66
C GLU A 76 -16.07 6.07 25.55
N GLY A 77 -15.43 6.21 24.40
CA GLY A 77 -16.06 6.89 23.29
C GLY A 77 -15.87 8.38 23.18
N ILE A 78 -14.72 8.89 23.63
CA ILE A 78 -14.49 10.33 23.52
C ILE A 78 -14.54 10.80 22.07
N VAL A 79 -14.05 9.95 21.15
CA VAL A 79 -14.03 10.29 19.73
C VAL A 79 -15.44 10.48 19.20
N ASP A 80 -16.33 9.57 19.57
CA ASP A 80 -17.74 9.64 19.16
C ASP A 80 -18.38 10.93 19.70
N GLU A 81 -18.03 11.29 20.93
CA GLU A 81 -18.55 12.51 21.56
C GLU A 81 -18.09 13.74 20.78
N PHE A 82 -16.86 13.70 20.27
CA PHE A 82 -16.29 14.81 19.51
C PHE A 82 -16.88 14.86 18.10
N GLU A 83 -17.07 13.69 17.49
CA GLU A 83 -17.65 13.62 16.14
C GLU A 83 -19.09 14.13 16.18
N LYS A 84 -19.76 13.87 17.30
CA LYS A 84 -21.15 14.28 17.47
C LYS A 84 -21.31 15.80 17.37
N ARG A 85 -20.25 16.51 17.73
CA ARG A 85 -20.24 17.97 17.70
C ARG A 85 -19.43 18.52 16.53
N GLY A 86 -19.14 17.66 15.56
CA GLY A 86 -18.39 18.07 14.38
C GLY A 86 -16.95 18.48 14.62
N LEU A 87 -16.30 17.82 15.57
CA LEU A 87 -14.90 18.14 15.92
C LEU A 87 -13.91 17.11 15.39
N LYS A 88 -12.69 17.58 15.07
CA LYS A 88 -11.64 16.70 14.58
C LYS A 88 -10.84 16.19 15.78
N ILE A 89 -10.74 14.87 15.92
CA ILE A 89 -9.99 14.29 17.02
C ILE A 89 -9.25 13.07 16.51
N PHE A 90 -7.99 12.92 16.93
CA PHE A 90 -7.19 11.79 16.51
C PHE A 90 -7.26 10.68 17.54
N GLY A 91 -7.85 9.57 17.13
CA GLY A 91 -8.02 8.42 18.01
C GLY A 91 -9.16 7.60 17.48
N PRO A 92 -9.26 6.32 17.87
CA PRO A 92 -10.34 5.45 17.40
C PRO A 92 -11.68 5.67 18.07
N ASN A 93 -12.77 5.43 17.33
CA ASN A 93 -14.10 5.58 17.91
C ASN A 93 -14.30 4.43 18.88
N LYS A 94 -15.40 4.45 19.62
CA LYS A 94 -15.68 3.43 20.64
C LYS A 94 -15.68 1.99 20.16
N GLU A 95 -16.18 1.75 18.95
CA GLU A 95 -16.23 0.39 18.42
C GLU A 95 -14.80 -0.12 18.14
N ALA A 96 -14.00 0.70 17.48
CA ALA A 96 -12.63 0.32 17.14
C ALA A 96 -11.73 0.21 18.38
N ALA A 97 -12.07 0.96 19.42
CA ALA A 97 -11.27 0.94 20.64
C ALA A 97 -11.41 -0.38 21.37
N LYS A 98 -12.38 -1.19 20.96
CA LYS A 98 -12.60 -2.49 21.58
C LYS A 98 -11.38 -3.39 21.41
N LEU A 99 -10.54 -3.11 20.41
CA LEU A 99 -9.35 -3.93 20.20
C LEU A 99 -8.50 -3.91 21.47
N GLU A 100 -8.62 -2.84 22.24
CA GLU A 100 -7.90 -2.74 23.51
C GLU A 100 -8.88 -2.92 24.66
N GLY A 101 -10.07 -2.32 24.50
CA GLY A 101 -11.11 -2.35 25.53
C GLY A 101 -11.61 -3.71 26.00
N SER A 102 -11.58 -4.69 25.11
CA SER A 102 -12.04 -6.04 25.44
C SER A 102 -11.06 -7.11 24.95
N LYS A 103 -10.38 -7.76 25.88
CA LYS A 103 -9.44 -8.82 25.52
C LYS A 103 -10.15 -9.90 24.73
N ALA A 104 -11.37 -10.24 25.15
CA ALA A 104 -12.16 -11.27 24.48
C ALA A 104 -12.39 -10.86 23.02
N PHE A 105 -12.72 -9.59 22.83
CA PHE A 105 -12.96 -9.08 21.48
C PHE A 105 -11.66 -9.21 20.69
N ALA A 106 -10.57 -8.73 21.26
CA ALA A 106 -9.27 -8.77 20.59
C ALA A 106 -8.80 -10.18 20.24
N LYS A 107 -8.92 -11.11 21.19
CA LYS A 107 -8.48 -12.48 20.94
C LYS A 107 -9.34 -13.15 19.88
N THR A 108 -10.66 -12.97 19.96
CA THR A 108 -11.56 -13.57 18.99
C THR A 108 -11.26 -13.01 17.61
N PHE A 109 -11.00 -11.71 17.55
CA PHE A 109 -10.67 -11.02 16.31
C PHE A 109 -9.38 -11.60 15.70
N MET A 110 -8.34 -11.72 16.53
CA MET A 110 -7.06 -12.24 16.05
C MET A 110 -7.17 -13.68 15.54
N LYS A 111 -7.98 -14.49 16.22
CA LYS A 111 -8.15 -15.88 15.80
C LYS A 111 -8.83 -15.90 14.43
N LYS A 112 -9.88 -15.11 14.30
CA LYS A 112 -10.63 -15.03 13.05
C LYS A 112 -9.80 -14.59 11.86
N TYR A 113 -8.89 -13.65 12.08
CA TYR A 113 -8.08 -13.13 10.99
C TYR A 113 -6.64 -13.63 10.89
N GLY A 114 -6.35 -14.70 11.63
CA GLY A 114 -5.02 -15.30 11.60
C GLY A 114 -3.87 -14.49 12.12
N ILE A 115 -4.11 -13.66 13.13
CA ILE A 115 -3.06 -12.86 13.72
C ILE A 115 -2.37 -13.66 14.82
N PRO A 116 -1.03 -13.79 14.73
CA PRO A 116 -0.23 -14.54 15.71
C PRO A 116 -0.41 -14.00 17.11
N THR A 117 -0.80 -14.87 18.04
CA THR A 117 -1.02 -14.47 19.43
C THR A 117 -1.00 -15.73 20.30
N ALA A 118 -1.07 -15.56 21.62
CA ALA A 118 -1.05 -16.71 22.52
C ALA A 118 -2.37 -17.47 22.46
N ARG A 119 -2.29 -18.80 22.49
CA ARG A 119 -3.51 -19.61 22.46
C ARG A 119 -4.25 -19.25 23.74
N TYR A 120 -5.58 -19.33 23.70
CA TYR A 120 -6.38 -18.89 24.84
C TYR A 120 -7.74 -19.56 24.98
N GLU A 121 -8.42 -19.20 26.05
CA GLU A 121 -9.76 -19.66 26.38
C GLU A 121 -10.40 -18.53 27.20
N VAL A 122 -11.69 -18.30 26.99
CA VAL A 122 -12.41 -17.25 27.73
C VAL A 122 -13.34 -17.87 28.77
N PHE A 123 -13.45 -17.23 29.93
CA PHE A 123 -14.32 -17.75 30.99
C PHE A 123 -15.09 -16.66 31.72
N THR A 124 -16.26 -17.03 32.25
CA THR A 124 -17.08 -16.11 33.04
C THR A 124 -17.44 -16.84 34.33
N ASP A 125 -17.07 -18.12 34.40
CA ASP A 125 -17.37 -18.97 35.55
C ASP A 125 -16.09 -19.34 36.32
N PHE A 126 -16.00 -18.96 37.58
CA PHE A 126 -14.83 -19.24 38.40
C PHE A 126 -14.50 -20.74 38.47
N GLU A 127 -15.46 -21.54 38.92
CA GLU A 127 -15.24 -22.98 39.03
C GLU A 127 -14.72 -23.58 37.74
N LYS A 128 -15.32 -23.18 36.63
CA LYS A 128 -14.91 -23.70 35.33
C LYS A 128 -13.49 -23.25 35.00
N ALA A 129 -13.19 -21.97 35.23
CA ALA A 129 -11.86 -21.45 34.95
C ALA A 129 -10.83 -22.13 35.86
N LYS A 130 -11.19 -22.33 37.12
CA LYS A 130 -10.29 -22.98 38.07
C LYS A 130 -9.93 -24.39 37.60
N GLU A 131 -10.94 -25.16 37.25
CA GLU A 131 -10.73 -26.53 36.80
C GLU A 131 -9.85 -26.55 35.55
N TYR A 132 -10.00 -25.53 34.72
CA TYR A 132 -9.22 -25.44 33.49
C TYR A 132 -7.72 -25.27 33.75
N VAL A 133 -7.37 -24.28 34.57
CA VAL A 133 -5.97 -24.02 34.88
C VAL A 133 -5.32 -25.20 35.58
N GLU A 134 -6.07 -25.86 36.46
CA GLU A 134 -5.52 -27.00 37.18
C GLU A 134 -5.14 -28.07 36.18
N LYS A 135 -5.90 -28.16 35.09
CA LYS A 135 -5.65 -29.15 34.05
C LYS A 135 -4.47 -28.78 33.14
N VAL A 136 -4.39 -27.51 32.76
CA VAL A 136 -3.30 -27.06 31.89
C VAL A 136 -2.00 -26.79 32.64
N GLY A 137 -2.11 -26.47 33.93
CA GLY A 137 -0.94 -26.19 34.74
C GLY A 137 -0.28 -24.86 34.44
N ALA A 138 0.78 -24.55 35.17
CA ALA A 138 1.50 -23.29 35.00
C ALA A 138 2.82 -23.55 34.27
N PRO A 139 3.48 -22.48 33.76
CA PRO A 139 3.07 -21.08 33.82
C PRO A 139 1.88 -20.75 32.91
N ILE A 140 1.05 -19.80 33.34
CA ILE A 140 -0.10 -19.41 32.55
C ILE A 140 -0.43 -17.95 32.84
N VAL A 141 -1.12 -17.30 31.90
CA VAL A 141 -1.46 -15.90 32.06
C VAL A 141 -2.96 -15.69 32.18
N VAL A 142 -3.38 -14.98 33.23
CA VAL A 142 -4.79 -14.70 33.49
C VAL A 142 -5.05 -13.21 33.32
N LYS A 143 -5.97 -12.85 32.44
CA LYS A 143 -6.27 -11.44 32.19
C LYS A 143 -7.73 -11.07 32.30
N ALA A 144 -8.00 -9.89 32.85
CA ALA A 144 -9.35 -9.37 32.97
C ALA A 144 -9.75 -8.95 31.55
N ASP A 145 -11.05 -8.97 31.24
CA ASP A 145 -11.47 -8.59 29.91
C ASP A 145 -11.33 -7.10 29.62
N GLY A 146 -11.75 -6.26 30.55
CA GLY A 146 -11.66 -4.82 30.33
C GLY A 146 -10.53 -4.09 31.02
N LEU A 147 -10.51 -2.76 30.89
CA LEU A 147 -9.47 -1.93 31.50
C LEU A 147 -9.46 -2.15 33.02
N ALA A 148 -8.26 -2.29 33.58
CA ALA A 148 -8.12 -2.51 35.01
C ALA A 148 -6.99 -1.67 35.59
N ALA A 149 -6.68 -0.58 34.90
CA ALA A 149 -5.63 0.34 35.34
C ALA A 149 -4.32 -0.37 35.65
N GLY A 150 -3.87 -1.23 34.74
CA GLY A 150 -2.62 -1.93 34.93
C GLY A 150 -2.60 -3.12 35.86
N LYS A 151 -3.78 -3.56 36.31
CA LYS A 151 -3.85 -4.70 37.22
C LYS A 151 -4.66 -5.86 36.63
N GLY A 152 -5.03 -5.75 35.36
CA GLY A 152 -5.83 -6.79 34.73
C GLY A 152 -5.11 -8.00 34.14
N ALA A 153 -3.85 -7.84 33.77
CA ALA A 153 -3.09 -8.95 33.18
C ALA A 153 -2.05 -9.47 34.17
N VAL A 154 -2.23 -10.70 34.61
CA VAL A 154 -1.32 -11.31 35.58
C VAL A 154 -0.64 -12.59 35.15
N VAL A 155 0.69 -12.59 35.15
CA VAL A 155 1.46 -13.78 34.81
C VAL A 155 1.50 -14.63 36.09
N CYS A 156 1.03 -15.88 35.99
CA CYS A 156 1.00 -16.76 37.14
C CYS A 156 1.99 -17.91 36.98
N GLU A 157 2.99 -17.95 37.86
CA GLU A 157 4.01 -18.99 37.80
C GLU A 157 3.51 -20.31 38.37
N THR A 158 2.48 -20.24 39.19
CA THR A 158 1.91 -21.43 39.80
C THR A 158 0.40 -21.49 39.59
N VAL A 159 -0.14 -22.69 39.65
CA VAL A 159 -1.58 -22.90 39.48
C VAL A 159 -2.32 -22.13 40.60
N GLU A 160 -1.76 -22.19 41.81
CA GLU A 160 -2.36 -21.52 42.96
C GLU A 160 -2.47 -20.01 42.75
N LYS A 161 -1.46 -19.41 42.12
CA LYS A 161 -1.48 -17.97 41.87
C LYS A 161 -2.58 -17.68 40.85
N ALA A 162 -2.74 -18.60 39.90
CA ALA A 162 -3.75 -18.46 38.86
C ALA A 162 -5.15 -18.49 39.45
N ILE A 163 -5.41 -19.48 40.31
CA ILE A 163 -6.74 -19.59 40.91
C ILE A 163 -7.00 -18.41 41.84
N GLU A 164 -5.96 -17.94 42.50
CA GLU A 164 -6.07 -16.82 43.41
C GLU A 164 -6.45 -15.58 42.61
N THR A 165 -5.88 -15.46 41.42
CA THR A 165 -6.16 -14.34 40.53
C THR A 165 -7.59 -14.43 40.02
N LEU A 166 -7.98 -15.63 39.58
CA LEU A 166 -9.33 -15.83 39.07
C LEU A 166 -10.36 -15.50 40.14
N ASP A 167 -10.01 -15.81 41.39
CA ASP A 167 -10.91 -15.55 42.52
C ASP A 167 -11.21 -14.06 42.66
N ARG A 168 -10.17 -13.25 42.60
CA ARG A 168 -10.33 -11.80 42.74
C ARG A 168 -11.11 -11.23 41.57
N PHE A 169 -10.85 -11.75 40.37
CA PHE A 169 -11.53 -11.28 39.17
C PHE A 169 -12.99 -11.73 39.06
N LEU A 170 -13.21 -13.04 39.11
CA LEU A 170 -14.56 -13.59 38.95
C LEU A 170 -15.47 -13.64 40.18
N ASN A 171 -14.92 -13.98 41.35
CA ASN A 171 -15.73 -14.06 42.55
C ASN A 171 -15.89 -12.70 43.22
N LYS A 172 -14.77 -12.03 43.46
CA LYS A 172 -14.79 -10.72 44.10
C LYS A 172 -15.18 -9.60 43.15
N LYS A 173 -14.94 -9.78 41.86
CA LYS A 173 -15.27 -8.78 40.85
C LYS A 173 -14.61 -7.44 41.17
N ILE A 174 -13.34 -7.49 41.54
CA ILE A 174 -12.57 -6.31 41.89
C ILE A 174 -12.63 -5.18 40.85
N PHE A 175 -12.84 -5.53 39.57
CA PHE A 175 -12.91 -4.51 38.54
C PHE A 175 -14.31 -4.43 37.93
N GLY A 176 -15.29 -4.99 38.63
CA GLY A 176 -16.65 -4.96 38.12
C GLY A 176 -16.81 -5.75 36.84
N LYS A 177 -17.57 -5.21 35.90
CA LYS A 177 -17.81 -5.89 34.63
C LYS A 177 -16.51 -6.24 33.91
N SER A 178 -15.49 -5.44 34.13
CA SER A 178 -14.19 -5.67 33.50
C SER A 178 -13.56 -7.00 33.90
N SER A 179 -13.81 -7.44 35.13
CA SER A 179 -13.25 -8.72 35.60
C SER A 179 -14.27 -9.84 35.64
N GLU A 180 -15.49 -9.56 35.18
CA GLU A 180 -16.55 -10.56 35.16
C GLU A 180 -16.31 -11.56 34.03
N ARG A 181 -15.39 -11.22 33.14
CA ARG A 181 -15.01 -12.08 32.02
C ARG A 181 -13.50 -12.08 31.99
N VAL A 182 -12.88 -13.24 31.82
CA VAL A 182 -11.43 -13.31 31.80
C VAL A 182 -10.91 -14.14 30.64
N VAL A 183 -9.68 -13.85 30.25
CA VAL A 183 -8.99 -14.56 29.17
C VAL A 183 -7.79 -15.24 29.84
N ILE A 184 -7.65 -16.54 29.60
CA ILE A 184 -6.54 -17.31 30.14
C ILE A 184 -5.73 -17.75 28.92
N GLU A 185 -4.47 -17.32 28.85
CA GLU A 185 -3.67 -17.68 27.69
C GLU A 185 -2.31 -18.25 28.05
N GLU A 186 -1.71 -18.92 27.08
CA GLU A 186 -0.41 -19.54 27.27
C GLU A 186 0.68 -18.51 27.50
N PHE A 187 1.64 -18.87 28.37
CA PHE A 187 2.77 -18.01 28.67
C PHE A 187 3.73 -18.11 27.49
N LEU A 188 4.07 -16.97 26.89
CA LEU A 188 4.99 -16.95 25.76
C LEU A 188 6.36 -16.49 26.21
N GLU A 189 7.40 -17.04 25.61
CA GLU A 189 8.77 -16.68 25.96
C GLU A 189 9.47 -16.03 24.78
N GLY A 190 10.42 -15.16 25.08
CA GLY A 190 11.17 -14.47 24.04
C GLY A 190 11.53 -13.07 24.47
N GLU A 191 11.62 -12.15 23.52
CA GLU A 191 11.95 -10.77 23.81
C GLU A 191 10.74 -9.88 23.55
N GLU A 192 10.43 -9.02 24.51
CA GLU A 192 9.29 -8.12 24.33
C GLU A 192 9.72 -6.92 23.49
N ALA A 193 8.78 -6.39 22.72
CA ALA A 193 9.05 -5.22 21.89
C ALA A 193 7.72 -4.54 21.59
N SER A 194 7.80 -3.26 21.21
CA SER A 194 6.62 -2.48 20.92
C SER A 194 6.66 -1.93 19.50
N TYR A 195 5.61 -2.19 18.74
CA TYR A 195 5.53 -1.71 17.37
C TYR A 195 4.28 -0.84 17.27
N ILE A 196 4.48 0.42 16.93
CA ILE A 196 3.37 1.36 16.84
C ILE A 196 3.23 1.94 15.44
N VAL A 197 2.00 2.01 14.95
CA VAL A 197 1.74 2.57 13.63
C VAL A 197 0.60 3.56 13.75
N MET A 198 0.41 4.37 12.71
CA MET A 198 -0.71 5.28 12.66
C MET A 198 -1.57 4.66 11.57
N ILE A 199 -2.87 4.56 11.81
CA ILE A 199 -3.77 3.96 10.83
C ILE A 199 -4.92 4.92 10.52
N ASN A 200 -5.36 4.91 9.27
CA ASN A 200 -6.51 5.70 8.85
C ASN A 200 -7.14 4.89 7.73
N GLY A 201 -8.07 4.03 8.10
CA GLY A 201 -8.71 3.20 7.10
C GLY A 201 -7.72 2.20 6.54
N ASP A 202 -7.59 2.17 5.23
CA ASP A 202 -6.71 1.25 4.53
C ASP A 202 -5.23 1.61 4.58
N ARG A 203 -4.91 2.82 5.05
CA ARG A 203 -3.51 3.26 5.09
C ARG A 203 -2.90 3.24 6.48
N TYR A 204 -1.61 2.93 6.55
CA TYR A 204 -0.90 2.93 7.82
C TYR A 204 0.55 3.37 7.62
N VAL A 205 1.10 4.01 8.64
CA VAL A 205 2.47 4.48 8.59
C VAL A 205 3.14 4.11 9.91
N PRO A 206 4.25 3.37 9.85
CA PRO A 206 4.97 2.96 11.06
C PRO A 206 5.69 4.12 11.76
N LEU A 207 5.77 4.03 13.08
CA LEU A 207 6.49 5.03 13.87
C LEU A 207 7.73 4.29 14.38
N PRO A 208 8.69 5.01 14.97
CA PRO A 208 9.89 4.35 15.49
C PRO A 208 9.60 3.13 16.37
N THR A 209 10.45 2.11 16.30
CA THR A 209 10.28 0.92 17.11
C THR A 209 10.79 1.19 18.53
N SER A 210 10.44 0.33 19.47
CA SER A 210 10.89 0.53 20.85
C SER A 210 10.74 -0.71 21.72
N GLN A 211 11.40 -0.68 22.87
CA GLN A 211 11.30 -1.79 23.81
C GLN A 211 11.10 -1.16 25.19
N ASP A 212 10.09 -1.66 25.90
CA ASP A 212 9.74 -1.18 27.23
C ASP A 212 10.21 -2.20 28.26
N HIS A 213 10.20 -1.81 29.52
CA HIS A 213 10.61 -2.68 30.63
C HIS A 213 9.47 -2.58 31.64
N LYS A 214 8.61 -3.59 31.63
CA LYS A 214 7.42 -3.64 32.47
C LYS A 214 7.56 -3.92 33.96
N ARG A 215 8.52 -4.74 34.35
CA ARG A 215 8.72 -5.08 35.76
C ARG A 215 9.29 -3.91 36.53
N LEU A 216 8.91 -3.80 37.80
CA LEU A 216 9.36 -2.71 38.66
C LEU A 216 10.87 -2.67 38.93
N LEU A 217 11.48 -3.84 39.10
CA LEU A 217 12.90 -3.92 39.46
C LEU A 217 13.89 -4.44 38.41
N ASP A 218 15.16 -4.15 38.64
CA ASP A 218 16.23 -4.59 37.75
C ASP A 218 16.14 -6.10 37.56
N GLU A 219 16.65 -6.63 36.47
CA GLU A 219 16.59 -8.00 35.98
C GLU A 219 15.17 -8.56 35.97
N ASP A 220 14.23 -7.70 35.56
CA ASP A 220 12.82 -8.03 35.36
C ASP A 220 12.18 -8.71 36.57
N LYS A 221 12.39 -8.14 37.75
CA LYS A 221 11.84 -8.69 38.98
C LYS A 221 10.78 -7.76 39.55
N GLY A 222 10.10 -8.20 40.59
CA GLY A 222 9.07 -7.38 41.19
C GLY A 222 7.79 -7.46 40.35
N PRO A 223 6.74 -6.75 40.75
CA PRO A 223 5.46 -6.73 40.04
C PRO A 223 5.47 -6.02 38.70
N ASN A 224 4.39 -6.24 37.94
CA ASN A 224 4.22 -5.62 36.64
C ASN A 224 3.81 -4.16 36.87
N THR A 225 4.20 -3.27 35.95
CA THR A 225 3.88 -1.86 36.07
C THR A 225 3.43 -1.36 34.71
N GLY A 226 3.14 -0.07 34.59
CA GLY A 226 2.74 0.47 33.31
C GLY A 226 3.91 0.65 32.36
N GLY A 227 5.13 0.54 32.90
CA GLY A 227 6.32 0.71 32.09
C GLY A 227 7.34 1.57 32.83
N MET A 228 8.53 1.01 33.06
CA MET A 228 9.58 1.68 33.81
C MET A 228 10.70 2.28 32.95
N GLY A 229 10.58 2.18 31.63
CA GLY A 229 11.61 2.74 30.77
C GLY A 229 11.57 2.13 29.39
N ALA A 230 11.96 2.92 28.39
CA ALA A 230 11.95 2.44 27.01
C ALA A 230 12.97 3.20 26.17
N TYR A 231 13.41 2.58 25.08
CA TYR A 231 14.37 3.21 24.20
C TYR A 231 13.96 2.91 22.76
N SER A 232 14.49 3.72 21.85
CA SER A 232 14.20 3.57 20.42
C SER A 232 15.44 3.94 19.62
N PRO A 233 15.71 3.20 18.54
CA PRO A 233 14.92 2.06 18.09
C PRO A 233 15.41 0.82 18.83
N THR A 234 14.73 -0.31 18.69
CA THR A 234 15.18 -1.53 19.34
C THR A 234 15.63 -2.55 18.30
N PRO A 235 16.85 -3.08 18.45
CA PRO A 235 17.37 -4.07 17.50
C PRO A 235 16.62 -5.39 17.57
N VAL A 236 15.74 -5.51 18.56
CA VAL A 236 14.95 -6.72 18.72
C VAL A 236 14.04 -6.83 17.50
N ILE A 237 13.72 -5.71 16.89
CA ILE A 237 12.87 -5.69 15.70
C ILE A 237 13.75 -5.37 14.49
N ASN A 238 14.50 -6.34 13.97
CA ASN A 238 15.20 -6.19 12.70
C ASN A 238 14.21 -6.26 11.53
N GLU A 239 14.94 -6.17 10.41
CA GLU A 239 14.32 -5.88 9.12
C GLU A 239 13.29 -6.94 8.75
N GLU A 240 13.88 -8.12 8.94
CA GLU A 240 12.92 -9.19 8.74
C GLU A 240 11.90 -9.25 9.87
N VAL A 241 12.07 -9.23 11.19
CA VAL A 241 11.00 -9.17 12.19
C VAL A 241 9.98 -8.10 11.85
N GLU A 242 10.44 -6.93 11.44
CA GLU A 242 9.52 -5.84 11.10
C GLU A 242 8.63 -6.23 9.92
N LYS A 243 9.21 -6.95 8.97
CA LYS A 243 8.46 -7.40 7.80
C LYS A 243 7.34 -8.34 8.24
N ARG A 244 7.67 -9.25 9.15
CA ARG A 244 6.67 -10.20 9.65
C ARG A 244 5.58 -9.49 10.45
N ILE A 245 5.97 -8.50 11.23
CA ILE A 245 5.00 -7.75 12.03
C ILE A 245 4.00 -7.06 11.11
N ARG A 246 4.52 -6.34 10.13
CA ARG A 246 3.66 -5.62 9.20
C ARG A 246 2.72 -6.54 8.42
N GLU A 247 3.23 -7.68 7.96
CA GLU A 247 2.40 -8.61 7.17
C GLU A 247 1.48 -9.54 7.94
N GLU A 248 1.96 -10.08 9.05
CA GLU A 248 1.15 -11.03 9.83
C GLU A 248 0.31 -10.38 10.92
N ILE A 249 0.63 -9.15 11.28
CA ILE A 249 -0.10 -8.46 12.34
C ILE A 249 -0.81 -7.20 11.87
N VAL A 250 -0.06 -6.16 11.53
CA VAL A 250 -0.64 -4.89 11.10
C VAL A 250 -1.59 -5.01 9.91
N GLU A 251 -1.11 -5.62 8.83
CA GLU A 251 -1.95 -5.77 7.64
C GLU A 251 -3.14 -6.71 7.84
N ARG A 252 -2.98 -7.70 8.72
CA ARG A 252 -4.10 -8.61 8.98
C ARG A 252 -5.14 -7.90 9.86
N VAL A 253 -4.69 -6.98 10.69
CA VAL A 253 -5.62 -6.22 11.53
C VAL A 253 -6.44 -5.35 10.58
N ILE A 254 -5.75 -4.72 9.64
CA ILE A 254 -6.40 -3.85 8.65
C ILE A 254 -7.44 -4.63 7.85
N LYS A 255 -7.05 -5.82 7.37
CA LYS A 255 -7.97 -6.65 6.62
C LYS A 255 -9.18 -7.02 7.47
N GLY A 256 -8.92 -7.42 8.71
CA GLY A 256 -9.99 -7.80 9.61
C GLY A 256 -10.97 -6.66 9.86
N LEU A 257 -10.43 -5.48 10.14
CA LEU A 257 -11.27 -4.32 10.38
C LEU A 257 -12.15 -4.04 9.16
N LYS A 258 -11.57 -4.21 7.98
CA LYS A 258 -12.30 -4.00 6.73
C LYS A 258 -13.41 -5.03 6.59
N GLU A 259 -13.13 -6.28 6.91
CA GLU A 259 -14.15 -7.31 6.80
C GLU A 259 -15.25 -7.11 7.82
N GLU A 260 -14.90 -6.57 8.99
CA GLU A 260 -15.87 -6.32 10.04
C GLU A 260 -16.65 -5.03 9.79
N GLY A 261 -16.16 -4.20 8.87
CA GLY A 261 -16.86 -2.96 8.58
C GLY A 261 -16.61 -1.89 9.63
N ILE A 262 -15.50 -2.04 10.35
CA ILE A 262 -15.13 -1.11 11.41
C ILE A 262 -14.08 -0.10 10.92
N TYR A 263 -14.37 1.18 11.06
CA TYR A 263 -13.41 2.22 10.64
C TYR A 263 -12.45 2.53 11.78
N TYR A 264 -11.15 2.48 11.49
CA TYR A 264 -10.13 2.77 12.50
C TYR A 264 -9.22 3.92 12.06
N ARG A 265 -9.10 4.91 12.94
CA ARG A 265 -8.23 6.05 12.71
C ARG A 265 -7.57 6.40 14.05
N GLY A 266 -6.24 6.35 14.08
CA GLY A 266 -5.51 6.66 15.29
C GLY A 266 -4.23 5.85 15.36
N PHE A 267 -3.63 5.79 16.55
CA PHE A 267 -2.42 4.99 16.72
C PHE A 267 -2.81 3.57 17.07
N LEU A 268 -1.99 2.61 16.69
CA LEU A 268 -2.22 1.22 17.05
C LEU A 268 -0.88 0.70 17.54
N TYR A 269 -0.78 0.45 18.84
CA TYR A 269 0.44 -0.02 19.44
C TYR A 269 0.28 -1.50 19.78
N ALA A 270 1.05 -2.34 19.10
CA ALA A 270 0.98 -3.78 19.33
C ALA A 270 2.06 -4.16 20.34
N GLY A 271 1.62 -4.68 21.48
CA GLY A 271 2.56 -5.13 22.51
C GLY A 271 2.95 -6.51 22.05
N LEU A 272 4.23 -6.71 21.75
CA LEU A 272 4.69 -7.98 21.23
C LEU A 272 5.65 -8.80 22.09
N MET A 273 5.72 -10.08 21.75
CA MET A 273 6.65 -11.01 22.36
C MET A 273 7.25 -11.63 21.11
N ILE A 274 8.55 -11.41 20.90
CA ILE A 274 9.20 -11.98 19.73
C ILE A 274 9.69 -13.36 20.13
N THR A 275 8.93 -14.37 19.71
CA THR A 275 9.25 -15.75 20.02
C THR A 275 10.06 -16.38 18.90
N LYS A 276 10.58 -17.57 19.14
CA LYS A 276 11.37 -18.26 18.11
C LYS A 276 10.45 -18.63 16.96
N GLU A 277 9.14 -18.59 17.22
CA GLU A 277 8.15 -18.88 16.19
C GLU A 277 7.79 -17.62 15.40
N GLY A 278 8.22 -16.46 15.90
CA GLY A 278 7.92 -15.21 15.22
C GLY A 278 7.25 -14.23 16.14
N PRO A 279 6.92 -13.01 15.67
CA PRO A 279 6.27 -12.05 16.56
C PRO A 279 4.83 -12.43 16.87
N LYS A 280 4.45 -12.29 18.14
CA LYS A 280 3.10 -12.60 18.56
C LYS A 280 2.52 -11.46 19.39
N VAL A 281 1.23 -11.20 19.20
CA VAL A 281 0.57 -10.11 19.92
C VAL A 281 0.19 -10.45 21.35
N LEU A 282 0.71 -9.70 22.31
CA LEU A 282 0.37 -9.91 23.70
C LEU A 282 -0.96 -9.17 23.91
N GLU A 283 -1.05 -7.99 23.32
CA GLU A 283 -2.27 -7.21 23.39
C GLU A 283 -2.20 -6.02 22.45
N PHE A 284 -3.36 -5.47 22.09
CA PHE A 284 -3.41 -4.29 21.25
C PHE A 284 -3.70 -3.12 22.17
N ASN A 285 -3.12 -1.96 21.85
CA ASN A 285 -3.34 -0.73 22.60
C ASN A 285 -3.68 0.26 21.50
N VAL A 286 -4.88 0.85 21.59
CA VAL A 286 -5.35 1.77 20.55
C VAL A 286 -4.91 3.21 20.74
N ARG A 287 -3.67 3.39 21.15
CA ARG A 287 -3.09 4.68 21.40
C ARG A 287 -1.58 4.51 21.54
N LEU A 288 -0.86 5.60 21.76
CA LEU A 288 0.59 5.50 21.94
C LEU A 288 0.86 4.85 23.30
N GLY A 289 1.99 4.15 23.40
CA GLY A 289 2.33 3.55 24.68
C GLY A 289 2.99 4.59 25.54
N ASP A 290 3.02 4.35 26.84
CA ASP A 290 3.68 5.24 27.79
C ASP A 290 4.46 4.24 28.63
N PRO A 291 5.79 4.39 28.72
CA PRO A 291 6.69 5.41 28.16
C PRO A 291 7.22 5.29 26.72
N GLU A 292 6.71 4.36 25.91
CA GLU A 292 7.22 4.24 24.54
C GLU A 292 7.14 5.52 23.72
N ALA A 293 6.07 6.28 23.89
CA ALA A 293 5.89 7.52 23.14
C ALA A 293 7.03 8.51 23.36
N GLN A 294 7.57 8.53 24.56
CA GLN A 294 8.65 9.46 24.87
C GLN A 294 9.86 9.33 23.93
N PRO A 295 10.55 8.17 23.93
CA PRO A 295 11.70 8.06 23.02
C PRO A 295 11.31 8.07 21.54
N ILE A 296 10.12 7.56 21.25
CA ILE A 296 9.63 7.52 19.87
C ILE A 296 9.49 8.94 19.31
N LEU A 297 8.79 9.79 20.06
CA LEU A 297 8.58 11.17 19.61
C LEU A 297 9.88 11.97 19.62
N MET A 298 10.82 11.56 20.45
CA MET A 298 12.12 12.23 20.48
C MET A 298 12.83 11.96 19.16
N ARG A 299 12.48 10.87 18.48
CA ARG A 299 13.14 10.52 17.22
C ARG A 299 12.36 10.88 15.95
N VAL A 300 11.22 11.53 16.09
CA VAL A 300 10.44 11.94 14.93
C VAL A 300 10.92 13.35 14.59
N LYS A 301 11.75 13.46 13.54
CA LYS A 301 12.30 14.75 13.12
C LYS A 301 11.31 15.78 12.62
N ASN A 302 10.36 15.35 11.79
CA ASN A 302 9.40 16.26 11.21
C ASN A 302 8.38 16.87 12.16
N ASP A 303 7.65 17.85 11.63
CA ASP A 303 6.61 18.55 12.37
C ASP A 303 5.53 17.50 12.61
N PHE A 304 5.42 17.01 13.84
CA PHE A 304 4.44 15.99 14.15
C PHE A 304 2.99 16.46 14.08
N LEU A 305 2.76 17.74 14.34
CA LEU A 305 1.41 18.29 14.29
C LEU A 305 0.94 18.25 12.84
N GLU A 306 1.81 18.66 11.93
CA GLU A 306 1.50 18.67 10.51
C GLU A 306 1.29 17.24 10.02
N THR A 307 2.14 16.34 10.48
CA THR A 307 2.06 14.94 10.11
C THR A 307 0.71 14.36 10.50
N LEU A 308 0.29 14.63 11.74
CA LEU A 308 -0.99 14.14 12.24
C LEU A 308 -2.17 14.75 11.48
N LEU A 309 -2.11 16.05 11.23
CA LEU A 309 -3.19 16.73 10.52
C LEU A 309 -3.35 16.18 9.11
N ASN A 310 -2.24 15.98 8.41
CA ASN A 310 -2.29 15.45 7.06
C ASN A 310 -2.76 14.00 7.05
N PHE A 311 -2.20 13.20 7.95
CA PHE A 311 -2.59 11.79 8.02
C PHE A 311 -4.07 11.66 8.39
N TYR A 312 -4.53 12.52 9.28
CA TYR A 312 -5.93 12.51 9.73
C TYR A 312 -6.88 12.61 8.53
N GLU A 313 -6.54 13.45 7.56
CA GLU A 313 -7.43 13.60 6.41
C GLU A 313 -7.05 12.78 5.17
N GLY A 314 -6.34 11.68 5.39
CA GLY A 314 -5.97 10.79 4.31
C GLY A 314 -4.84 11.18 3.37
N LYS A 315 -4.01 12.14 3.77
CA LYS A 315 -2.89 12.56 2.95
C LYS A 315 -1.71 11.66 3.26
N ASP A 316 -0.84 11.44 2.29
CA ASP A 316 0.33 10.60 2.51
C ASP A 316 1.32 11.38 3.37
N VAL A 317 2.04 10.67 4.23
CA VAL A 317 3.04 11.29 5.09
C VAL A 317 4.28 10.42 5.15
N HIS A 318 5.41 11.02 5.49
CA HIS A 318 6.67 10.29 5.58
C HIS A 318 7.40 10.65 6.87
N ILE A 319 7.51 9.69 7.78
CA ILE A 319 8.18 9.90 9.05
C ILE A 319 9.70 9.92 8.85
N LYS A 320 10.34 10.99 9.30
CA LYS A 320 11.78 11.13 9.21
C LYS A 320 12.35 10.85 10.59
N GLU A 321 13.02 9.72 10.75
CA GLU A 321 13.56 9.34 12.04
C GLU A 321 14.96 9.85 12.37
N ASP A 322 15.13 10.29 13.62
CA ASP A 322 16.40 10.80 14.09
C ASP A 322 17.39 9.62 14.06
N GLU A 323 18.61 9.90 13.63
CA GLU A 323 19.64 8.87 13.54
C GLU A 323 20.16 8.47 14.92
N ARG A 324 19.90 9.31 15.91
CA ARG A 324 20.32 9.06 17.28
C ARG A 324 19.36 8.15 18.01
N TYR A 325 19.87 7.44 19.02
CA TYR A 325 19.06 6.57 19.86
C TYR A 325 18.43 7.50 20.87
N ALA A 326 17.32 7.08 21.48
CA ALA A 326 16.65 7.87 22.50
C ALA A 326 16.32 6.88 23.61
N LEU A 327 16.66 7.22 24.84
CA LEU A 327 16.40 6.34 25.96
C LEU A 327 15.73 7.09 27.10
N ASP A 328 14.73 6.46 27.69
CA ASP A 328 13.96 7.07 28.78
C ASP A 328 13.93 6.20 30.04
N VAL A 329 14.34 6.78 31.16
CA VAL A 329 14.31 6.08 32.44
C VAL A 329 13.22 6.70 33.30
N VAL A 330 12.28 5.87 33.75
CA VAL A 330 11.19 6.35 34.58
C VAL A 330 11.56 6.39 36.06
N LEU A 331 11.28 7.51 36.70
CA LEU A 331 11.51 7.68 38.12
C LEU A 331 10.12 7.58 38.74
N ALA A 332 9.93 6.58 39.60
CA ALA A 332 8.63 6.38 40.23
C ALA A 332 8.68 6.66 41.72
N SER A 333 7.47 6.84 42.28
CA SER A 333 7.08 7.16 43.64
C SER A 333 7.21 5.90 44.50
N ARG A 334 7.71 5.89 45.75
CA ARG A 334 7.66 4.74 46.63
C ARG A 334 6.21 4.26 46.67
N GLY A 335 6.01 2.95 46.64
CA GLY A 335 4.65 2.42 46.67
C GLY A 335 4.15 1.94 45.32
N TYR A 336 4.61 2.60 44.26
CA TYR A 336 4.22 2.22 42.90
C TYR A 336 4.73 0.79 42.68
N PRO A 337 3.95 -0.07 42.00
CA PRO A 337 2.63 0.09 41.37
C PRO A 337 1.41 -0.04 42.27
N GLU A 338 1.54 -0.32 43.56
CA GLU A 338 0.49 -0.31 44.58
C GLU A 338 0.42 1.15 45.01
N LYS A 339 -0.36 1.49 46.03
CA LYS A 339 -0.70 2.87 46.32
C LYS A 339 0.58 3.70 46.39
N PRO A 340 0.75 4.70 45.55
CA PRO A 340 1.98 5.48 45.59
C PRO A 340 1.97 6.59 46.63
N GLU A 341 3.14 6.89 47.16
CA GLU A 341 3.31 7.96 48.13
C GLU A 341 3.40 9.19 47.23
N THR A 342 2.89 10.32 47.69
CA THR A 342 2.94 11.55 46.89
C THR A 342 3.20 12.78 47.75
N GLY A 343 3.27 13.93 47.09
CA GLY A 343 3.49 15.18 47.80
C GLY A 343 4.94 15.48 48.13
N LYS A 344 5.86 14.78 47.49
CA LYS A 344 7.29 14.98 47.74
C LYS A 344 7.86 16.02 46.77
N ILE A 345 8.70 16.91 47.29
CA ILE A 345 9.31 17.95 46.47
C ILE A 345 10.36 17.39 45.52
N ILE A 346 10.30 17.81 44.27
CA ILE A 346 11.25 17.34 43.26
C ILE A 346 12.32 18.41 43.10
N HIS A 347 13.59 18.00 43.29
CA HIS A 347 14.71 18.92 43.16
C HIS A 347 15.54 18.62 41.92
N GLY A 348 16.26 19.61 41.42
CA GLY A 348 17.14 19.42 40.29
C GLY A 348 16.62 19.58 38.87
N LEU A 349 15.32 19.84 38.71
CA LEU A 349 14.75 19.97 37.38
C LEU A 349 15.43 21.06 36.55
N ASP A 350 15.85 22.13 37.21
CA ASP A 350 16.52 23.23 36.53
C ASP A 350 17.90 22.82 36.04
N TYR A 351 18.56 21.92 36.77
CA TYR A 351 19.88 21.46 36.35
C TYR A 351 19.75 20.70 35.03
N LEU A 352 18.75 19.82 34.95
CA LEU A 352 18.54 19.02 33.75
C LEU A 352 18.13 19.83 32.53
N LYS A 353 17.45 20.95 32.75
CA LYS A 353 17.02 21.78 31.63
C LYS A 353 18.22 22.31 30.83
N SER A 354 19.34 22.48 31.51
CA SER A 354 20.54 23.00 30.86
C SER A 354 21.50 21.91 30.37
N MET A 355 21.15 20.65 30.61
CA MET A 355 21.99 19.55 30.15
C MET A 355 21.69 19.26 28.69
N GLU A 356 22.76 19.14 27.90
CA GLU A 356 22.54 18.89 26.49
C GLU A 356 22.23 17.42 26.24
N ASP A 357 21.43 17.20 25.18
CA ASP A 357 20.83 15.91 24.81
C ASP A 357 20.06 15.26 25.95
N VAL A 358 19.49 16.07 26.85
CA VAL A 358 18.63 15.52 27.88
C VAL A 358 17.25 16.16 27.77
N VAL A 359 16.22 15.35 27.98
CA VAL A 359 14.84 15.81 27.89
C VAL A 359 14.06 15.16 29.02
N VAL A 360 13.30 15.95 29.76
CA VAL A 360 12.52 15.40 30.85
C VAL A 360 11.03 15.56 30.59
N PHE A 361 10.31 14.44 30.60
CA PHE A 361 8.87 14.46 30.40
C PHE A 361 8.22 14.12 31.73
N HIS A 362 7.40 15.05 32.23
CA HIS A 362 6.71 14.88 33.50
C HIS A 362 5.52 13.93 33.38
N ALA A 363 5.26 13.29 34.52
CA ALA A 363 4.17 12.33 34.36
C ALA A 363 3.15 12.75 35.43
N GLY A 364 3.76 12.53 36.60
CA GLY A 364 2.90 12.72 37.74
C GLY A 364 3.40 13.70 38.80
N THR A 365 3.28 14.92 38.27
CA THR A 365 3.80 16.08 38.97
C THR A 365 2.77 17.20 39.00
N LYS A 366 2.82 18.00 40.06
CA LYS A 366 1.91 19.12 40.21
C LYS A 366 2.69 20.23 40.89
N LYS A 367 2.01 21.37 41.12
CA LYS A 367 2.64 22.50 41.77
C LYS A 367 2.14 22.70 43.19
N GLU A 368 3.03 23.16 44.04
CA GLU A 368 2.73 23.47 45.44
C GLU A 368 3.49 24.78 45.62
N GLY A 369 2.86 25.89 45.27
CA GLY A 369 3.53 27.17 45.37
C GLY A 369 4.49 27.21 44.20
N ASN A 370 5.76 27.52 44.46
CA ASN A 370 6.76 27.56 43.41
C ASN A 370 7.45 26.21 43.28
N PHE A 371 7.05 25.28 44.15
CA PHE A 371 7.62 23.94 44.16
C PHE A 371 6.89 22.96 43.24
N THR A 372 7.65 22.01 42.70
CA THR A 372 7.08 20.96 41.86
C THR A 372 7.07 19.74 42.77
N VAL A 373 5.91 19.10 42.92
CA VAL A 373 5.79 17.94 43.79
C VAL A 373 5.25 16.69 43.08
N THR A 374 5.51 15.53 43.65
CA THR A 374 5.03 14.27 43.07
C THR A 374 3.53 14.20 43.30
N SER A 375 2.81 13.60 42.34
CA SER A 375 1.36 13.47 42.45
C SER A 375 0.84 12.14 41.92
N GLY A 376 1.74 11.24 41.54
CA GLY A 376 1.31 9.95 41.03
C GLY A 376 2.35 8.85 41.14
N GLY A 377 2.04 7.69 40.57
CA GLY A 377 2.96 6.56 40.61
C GLY A 377 4.24 6.87 39.85
N ARG A 378 4.12 7.03 38.54
CA ARG A 378 5.29 7.38 37.73
C ARG A 378 5.36 8.90 37.79
N VAL A 379 6.56 9.42 38.08
CA VAL A 379 6.74 10.84 38.25
C VAL A 379 7.50 11.56 37.14
N LEU A 380 8.68 11.03 36.79
CA LEU A 380 9.48 11.66 35.76
C LEU A 380 10.02 10.68 34.74
N ASN A 381 10.23 11.20 33.53
CA ASN A 381 10.81 10.46 32.44
C ASN A 381 12.11 11.20 32.13
N VAL A 382 13.23 10.68 32.60
CA VAL A 382 14.52 11.30 32.33
C VAL A 382 15.04 10.64 31.06
N CYS A 383 15.04 11.42 29.97
CA CYS A 383 15.45 10.93 28.67
C CYS A 383 16.73 11.56 28.10
N ALA A 384 17.37 10.84 27.19
CA ALA A 384 18.59 11.34 26.57
C ALA A 384 18.83 10.75 25.19
N TYR A 385 19.45 11.55 24.32
CA TYR A 385 19.81 11.13 22.98
C TYR A 385 21.23 10.58 23.10
N GLY A 386 21.65 9.83 22.09
CA GLY A 386 23.00 9.28 22.08
C GLY A 386 23.27 8.70 20.71
N LYS A 387 24.50 8.88 20.22
CA LYS A 387 24.86 8.36 18.90
C LYS A 387 24.79 6.84 18.97
N THR A 388 25.14 6.30 20.13
CA THR A 388 25.08 4.86 20.36
C THR A 388 24.12 4.67 21.52
N LEU A 389 23.62 3.46 21.70
CA LEU A 389 22.69 3.19 22.79
C LEU A 389 23.43 3.37 24.12
N LYS A 390 24.68 2.91 24.16
CA LYS A 390 25.48 3.06 25.37
C LYS A 390 25.51 4.52 25.79
N GLU A 391 25.74 5.41 24.83
CA GLU A 391 25.78 6.84 25.11
C GLU A 391 24.43 7.34 25.62
N ALA A 392 23.35 6.90 24.98
CA ALA A 392 22.03 7.33 25.40
C ALA A 392 21.77 6.91 26.84
N LYS A 393 22.06 5.65 27.15
CA LYS A 393 21.85 5.13 28.50
C LYS A 393 22.68 5.88 29.53
N GLU A 394 23.98 6.04 29.27
CA GLU A 394 24.85 6.72 30.20
C GLU A 394 24.44 8.16 30.46
N ARG A 395 24.01 8.87 29.40
CA ARG A 395 23.58 10.25 29.56
C ARG A 395 22.33 10.34 30.43
N ALA A 396 21.37 9.45 30.17
CA ALA A 396 20.14 9.43 30.96
C ALA A 396 20.45 9.19 32.44
N TYR A 397 21.31 8.21 32.72
CA TYR A 397 21.66 7.92 34.11
C TYR A 397 22.51 9.01 34.74
N GLU A 398 23.30 9.72 33.92
CA GLU A 398 24.11 10.81 34.43
C GLU A 398 23.15 11.90 34.87
N ALA A 399 22.13 12.15 34.05
CA ALA A 399 21.13 13.17 34.36
C ALA A 399 20.42 12.85 35.67
N ILE A 400 20.11 11.57 35.88
CA ILE A 400 19.42 11.16 37.10
C ILE A 400 20.20 11.56 38.37
N ARG A 401 21.52 11.68 38.25
CA ARG A 401 22.34 12.06 39.39
C ARG A 401 22.02 13.45 39.92
N TYR A 402 21.39 14.27 39.09
CA TYR A 402 21.08 15.64 39.47
C TYR A 402 19.63 15.94 39.81
N VAL A 403 18.76 14.94 39.72
CA VAL A 403 17.35 15.14 40.04
C VAL A 403 17.02 14.28 41.26
N CYS A 404 16.06 14.71 42.09
CA CYS A 404 15.77 13.95 43.28
C CYS A 404 14.43 14.28 43.97
N PHE A 405 13.83 13.25 44.56
CA PHE A 405 12.61 13.40 45.35
C PHE A 405 12.59 12.18 46.29
N GLU A 406 12.08 12.38 47.49
CA GLU A 406 12.03 11.32 48.50
C GLU A 406 11.36 10.04 48.01
N GLY A 407 12.02 8.91 48.23
CA GLY A 407 11.46 7.63 47.84
C GLY A 407 11.54 7.28 46.37
N MET A 408 12.24 8.12 45.58
CA MET A 408 12.35 7.86 44.15
C MET A 408 12.95 6.48 43.88
N HIS A 409 12.42 5.81 42.85
CA HIS A 409 12.90 4.50 42.45
C HIS A 409 12.95 4.42 40.93
N TYR A 410 13.99 3.76 40.42
CA TYR A 410 14.15 3.61 38.98
C TYR A 410 15.04 2.39 38.71
N ARG A 411 14.88 1.79 37.54
CA ARG A 411 15.69 0.65 37.16
C ARG A 411 16.98 1.17 36.54
N LYS A 412 18.06 0.43 36.73
CA LYS A 412 19.36 0.80 36.21
C LYS A 412 19.73 -0.01 34.97
N ASP A 413 18.85 -0.94 34.58
CA ASP A 413 19.11 -1.80 33.43
C ASP A 413 18.30 -1.48 32.17
N ILE A 414 17.81 -0.25 32.05
CA ILE A 414 17.02 0.12 30.87
C ILE A 414 17.89 0.06 29.61
N GLY A 415 17.48 -0.78 28.67
CA GLY A 415 18.21 -0.92 27.42
C GLY A 415 19.22 -2.06 27.38
N ASP A 416 19.46 -2.70 28.52
CA ASP A 416 20.44 -3.79 28.61
C ASP A 416 20.20 -5.00 27.72
N LYS A 417 18.95 -5.25 27.35
CA LYS A 417 18.64 -6.40 26.52
C LYS A 417 19.04 -6.21 25.06
N ALA A 418 19.30 -4.96 24.68
CA ALA A 418 19.64 -4.65 23.29
C ALA A 418 21.09 -4.89 22.88
N PHE A 419 22.00 -4.76 23.84
CA PHE A 419 23.42 -4.91 23.56
C PHE A 419 23.88 -6.22 22.92
N LYS A 420 23.21 -7.33 23.21
CA LYS A 420 23.61 -8.61 22.60
C LYS A 420 23.31 -8.60 21.10
N TYR A 421 22.55 -7.59 20.66
CA TYR A 421 22.19 -7.45 19.26
C TYR A 421 23.08 -6.44 18.54
N LEU A 422 23.82 -5.66 19.31
CA LEU A 422 24.69 -4.63 18.75
C LEU A 422 26.17 -4.93 18.93
N SER A 423 27.02 -4.07 18.38
CA SER A 423 28.46 -4.24 18.48
C SER A 423 29.13 -2.92 18.86
N MET B 1 13.50 19.98 -26.33
CA MET B 1 14.21 18.67 -26.25
C MET B 1 13.85 17.77 -27.42
N LYS B 2 14.66 16.73 -27.62
CA LYS B 2 14.42 15.77 -28.70
C LYS B 2 13.80 14.53 -28.10
N VAL B 3 12.68 14.09 -28.68
CA VAL B 3 11.98 12.91 -28.19
C VAL B 3 11.83 11.84 -29.28
N LEU B 4 12.07 10.59 -28.90
CA LEU B 4 11.96 9.48 -29.83
C LEU B 4 10.87 8.51 -29.39
N VAL B 5 10.00 8.13 -30.32
CA VAL B 5 8.95 7.16 -30.04
C VAL B 5 9.33 5.93 -30.84
N VAL B 6 9.33 4.76 -30.18
CA VAL B 6 9.69 3.51 -30.85
C VAL B 6 8.44 2.68 -31.12
N GLY B 7 8.23 2.33 -32.39
CA GLY B 7 7.06 1.55 -32.76
C GLY B 7 6.50 2.00 -34.09
N ASN B 8 5.60 1.20 -34.67
CA ASN B 8 5.04 1.53 -35.98
C ASN B 8 3.52 1.53 -36.11
N GLY B 9 2.81 1.34 -35.00
CA GLY B 9 1.36 1.26 -35.08
C GLY B 9 0.49 2.37 -34.53
N GLY B 10 -0.77 2.01 -34.27
CA GLY B 10 -1.75 2.96 -33.75
C GLY B 10 -1.39 3.51 -32.39
N ARG B 11 -0.94 2.62 -31.51
CA ARG B 11 -0.53 3.02 -30.16
C ARG B 11 0.54 4.10 -30.26
N GLU B 12 1.50 3.90 -31.16
CA GLU B 12 2.59 4.86 -31.33
C GLU B 12 2.11 6.18 -31.93
N HIS B 13 1.11 6.12 -32.79
CA HIS B 13 0.59 7.37 -33.35
C HIS B 13 -0.04 8.17 -32.21
N ALA B 14 -0.79 7.47 -31.34
CA ALA B 14 -1.43 8.13 -30.21
C ALA B 14 -0.36 8.76 -29.31
N ILE B 15 0.72 8.02 -29.05
CA ILE B 15 1.81 8.53 -28.22
C ILE B 15 2.44 9.78 -28.82
N ALA B 16 2.80 9.71 -30.10
CA ALA B 16 3.41 10.84 -30.78
C ALA B 16 2.44 12.02 -30.83
N TRP B 17 1.18 11.70 -31.15
CA TRP B 17 0.11 12.70 -31.24
C TRP B 17 0.02 13.48 -29.93
N LYS B 18 0.05 12.76 -28.82
CA LYS B 18 -0.02 13.37 -27.50
C LYS B 18 1.25 14.17 -27.20
N VAL B 19 2.40 13.53 -27.40
CA VAL B 19 3.68 14.18 -27.16
C VAL B 19 3.84 15.47 -27.97
N ALA B 20 3.43 15.44 -29.23
CA ALA B 20 3.55 16.61 -30.11
C ALA B 20 2.78 17.82 -29.59
N GLN B 21 1.83 17.59 -28.68
CA GLN B 21 1.05 18.68 -28.12
C GLN B 21 1.78 19.42 -26.99
N SER B 22 2.92 18.87 -26.56
CA SER B 22 3.70 19.49 -25.49
C SER B 22 4.66 20.58 -25.99
N PRO B 23 4.67 21.74 -25.32
CA PRO B 23 5.57 22.81 -25.74
C PRO B 23 7.04 22.46 -25.45
N LEU B 24 7.24 21.38 -24.71
CA LEU B 24 8.58 20.93 -24.34
C LEU B 24 9.40 20.36 -25.50
N VAL B 25 8.73 19.64 -26.40
CA VAL B 25 9.41 19.01 -27.54
C VAL B 25 9.69 19.97 -28.68
N LYS B 26 10.92 19.93 -29.20
CA LYS B 26 11.32 20.79 -30.31
C LYS B 26 11.61 19.95 -31.54
N GLU B 27 11.79 18.64 -31.32
CA GLU B 27 12.06 17.70 -32.40
C GLU B 27 11.50 16.35 -31.97
N LEU B 28 10.64 15.77 -32.81
CA LEU B 28 10.04 14.48 -32.51
C LEU B 28 10.43 13.44 -33.55
N TYR B 29 10.92 12.31 -33.08
CA TYR B 29 11.36 11.22 -33.96
C TYR B 29 10.53 9.97 -33.70
N VAL B 30 10.35 9.16 -34.73
CA VAL B 30 9.63 7.90 -34.58
C VAL B 30 10.44 6.86 -35.35
N ALA B 31 10.82 5.71 -34.82
CA ALA B 31 11.57 4.61 -35.42
C ALA B 31 10.64 3.44 -35.55
N LYS B 32 10.01 2.99 -36.63
CA LYS B 32 10.04 3.52 -37.97
C LYS B 32 8.83 4.42 -38.07
N GLY B 33 7.72 3.98 -37.48
CA GLY B 33 6.45 4.68 -37.44
C GLY B 33 5.62 4.27 -38.65
N ASN B 34 4.79 5.18 -39.15
CA ASN B 34 3.95 4.90 -40.33
C ASN B 34 3.54 6.21 -41.00
N ALA B 35 2.82 6.12 -42.12
CA ALA B 35 2.41 7.32 -42.85
C ALA B 35 1.74 8.40 -41.99
N GLY B 36 0.89 8.00 -41.07
CA GLY B 36 0.20 8.96 -40.22
C GLY B 36 1.12 9.68 -39.23
N ILE B 37 2.03 8.92 -38.63
CA ILE B 37 2.95 9.52 -37.66
C ILE B 37 4.00 10.39 -38.36
N TRP B 38 4.32 10.06 -39.61
CA TRP B 38 5.32 10.84 -40.35
C TRP B 38 4.87 12.27 -40.63
N GLU B 39 3.58 12.54 -40.44
CA GLU B 39 3.08 13.89 -40.67
C GLU B 39 3.47 14.78 -39.51
N ILE B 40 3.75 14.18 -38.35
CA ILE B 40 4.13 14.95 -37.17
C ILE B 40 5.45 14.56 -36.52
N ALA B 41 6.13 13.57 -37.08
CA ALA B 41 7.41 13.13 -36.51
C ALA B 41 8.41 12.74 -37.59
N LYS B 42 9.69 12.91 -37.28
CA LYS B 42 10.74 12.57 -38.22
C LYS B 42 10.91 11.05 -38.27
N ARG B 43 10.84 10.50 -39.47
CA ARG B 43 11.00 9.07 -39.70
C ARG B 43 12.45 8.64 -39.48
N VAL B 44 12.63 7.62 -38.64
CA VAL B 44 13.95 7.07 -38.36
C VAL B 44 13.90 5.64 -38.87
N ASP B 45 14.63 5.36 -39.94
CA ASP B 45 14.60 4.05 -40.56
C ASP B 45 15.39 2.97 -39.83
N ILE B 46 14.96 2.67 -38.61
CA ILE B 46 15.61 1.63 -37.82
C ILE B 46 14.50 0.76 -37.22
N SER B 47 14.59 -0.54 -37.42
CA SER B 47 13.57 -1.44 -36.89
C SER B 47 13.47 -1.33 -35.37
N PRO B 48 12.24 -1.38 -34.84
CA PRO B 48 12.07 -1.28 -33.38
C PRO B 48 12.85 -2.38 -32.64
N THR B 49 13.07 -3.50 -33.31
CA THR B 49 13.78 -4.62 -32.68
C THR B 49 15.31 -4.61 -32.82
N ASP B 50 15.86 -3.62 -33.53
CA ASP B 50 17.32 -3.50 -33.64
C ASP B 50 17.64 -2.55 -32.48
N VAL B 51 17.48 -3.08 -31.28
CA VAL B 51 17.64 -2.33 -30.05
C VAL B 51 18.94 -1.56 -29.81
N GLU B 52 20.09 -2.16 -30.08
CA GLU B 52 21.29 -1.39 -29.84
C GLU B 52 21.54 -0.38 -30.96
N LYS B 53 21.01 -0.65 -32.15
CA LYS B 53 21.16 0.30 -33.24
C LYS B 53 20.31 1.53 -32.89
N LEU B 54 19.18 1.30 -32.23
CA LEU B 54 18.30 2.41 -31.81
C LEU B 54 18.98 3.22 -30.72
N ALA B 55 19.65 2.53 -29.79
CA ALA B 55 20.34 3.19 -28.69
C ALA B 55 21.47 4.06 -29.22
N GLU B 56 22.21 3.54 -30.20
CA GLU B 56 23.32 4.27 -30.80
C GLU B 56 22.81 5.47 -31.57
N PHE B 57 21.64 5.32 -32.20
CA PHE B 57 21.04 6.43 -32.95
C PHE B 57 20.65 7.53 -31.97
N ALA B 58 19.96 7.16 -30.90
CA ALA B 58 19.52 8.13 -29.90
C ALA B 58 20.71 8.86 -29.28
N LYS B 59 21.78 8.12 -29.02
CA LYS B 59 22.97 8.72 -28.43
C LYS B 59 23.63 9.72 -29.39
N ASN B 60 23.84 9.30 -30.63
CA ASN B 60 24.47 10.16 -31.63
C ASN B 60 23.63 11.37 -32.02
N GLU B 61 22.32 11.21 -32.04
CA GLU B 61 21.40 12.28 -32.42
C GLU B 61 21.10 13.23 -31.26
N GLY B 62 21.45 12.80 -30.05
CA GLY B 62 21.19 13.61 -28.88
C GLY B 62 19.76 13.56 -28.37
N VAL B 63 19.10 12.41 -28.54
CA VAL B 63 17.73 12.26 -28.07
C VAL B 63 17.68 12.34 -26.55
N ASP B 64 16.84 13.24 -26.04
CA ASP B 64 16.73 13.45 -24.61
C ASP B 64 15.83 12.46 -23.87
N PHE B 65 14.82 11.93 -24.55
CA PHE B 65 13.90 11.02 -23.91
C PHE B 65 13.30 10.09 -24.95
N THR B 66 13.18 8.80 -24.62
CA THR B 66 12.63 7.82 -25.54
C THR B 66 11.47 7.06 -24.90
N ILE B 67 10.38 6.92 -25.65
CA ILE B 67 9.19 6.22 -25.19
C ILE B 67 8.98 4.98 -26.05
N VAL B 68 8.96 3.80 -25.44
CA VAL B 68 8.79 2.57 -26.21
C VAL B 68 7.34 2.11 -26.27
N GLY B 69 6.87 1.84 -27.48
CA GLY B 69 5.49 1.39 -27.61
C GLY B 69 5.25 -0.10 -27.54
N PRO B 70 5.89 -0.90 -28.42
CA PRO B 70 5.71 -2.35 -28.44
C PRO B 70 6.51 -3.21 -27.47
N GLU B 71 6.04 -4.44 -27.29
CA GLU B 71 6.65 -5.40 -26.39
C GLU B 71 7.98 -6.01 -26.83
N ALA B 72 8.11 -6.35 -28.11
CA ALA B 72 9.33 -6.99 -28.59
C ALA B 72 10.61 -6.26 -28.18
N PRO B 73 10.71 -4.95 -28.47
CA PRO B 73 11.93 -4.21 -28.10
C PRO B 73 12.22 -4.28 -26.60
N LEU B 74 11.17 -4.25 -25.79
CA LEU B 74 11.31 -4.30 -24.33
C LEU B 74 11.81 -5.65 -23.83
N VAL B 75 11.20 -6.72 -24.33
CA VAL B 75 11.60 -8.06 -23.93
C VAL B 75 13.02 -8.33 -24.41
N GLU B 76 13.43 -7.66 -25.49
CA GLU B 76 14.78 -7.84 -26.03
C GLU B 76 15.84 -7.01 -25.31
N GLY B 77 15.40 -6.19 -24.36
CA GLY B 77 16.33 -5.38 -23.59
C GLY B 77 16.72 -4.01 -24.14
N ILE B 78 15.82 -3.38 -24.88
CA ILE B 78 16.13 -2.05 -25.42
C ILE B 78 16.44 -1.08 -24.30
N VAL B 79 15.74 -1.21 -23.18
CA VAL B 79 15.95 -0.30 -22.06
C VAL B 79 17.38 -0.42 -21.53
N ASP B 80 17.87 -1.65 -21.41
CA ASP B 80 19.23 -1.87 -20.92
C ASP B 80 20.25 -1.29 -21.89
N GLU B 81 19.98 -1.39 -23.20
CA GLU B 81 20.90 -0.85 -24.20
C GLU B 81 20.96 0.67 -24.13
N PHE B 82 19.85 1.31 -23.76
CA PHE B 82 19.82 2.77 -23.65
C PHE B 82 20.54 3.20 -22.37
N GLU B 83 20.30 2.47 -21.28
CA GLU B 83 20.94 2.77 -20.00
C GLU B 83 22.46 2.57 -20.13
N LYS B 84 22.86 1.60 -20.94
CA LYS B 84 24.28 1.32 -21.11
C LYS B 84 24.99 2.54 -21.70
N ARG B 85 24.23 3.37 -22.41
CA ARG B 85 24.78 4.58 -23.04
C ARG B 85 24.38 5.87 -22.34
N GLY B 86 23.88 5.72 -21.12
CA GLY B 86 23.46 6.85 -20.30
C GLY B 86 22.27 7.63 -20.83
N LEU B 87 21.34 6.93 -21.46
CA LEU B 87 20.15 7.56 -22.03
C LEU B 87 18.89 7.33 -21.19
N LYS B 88 17.98 8.30 -21.21
CA LYS B 88 16.72 8.19 -20.48
C LYS B 88 15.66 7.57 -21.39
N ILE B 89 15.08 6.47 -20.94
CA ILE B 89 14.07 5.78 -21.73
C ILE B 89 12.95 5.28 -20.83
N PHE B 90 11.71 5.44 -21.27
CA PHE B 90 10.56 5.00 -20.48
C PHE B 90 10.12 3.60 -20.89
N GLY B 91 10.34 2.65 -19.97
CA GLY B 91 9.99 1.26 -20.21
C GLY B 91 10.80 0.38 -19.27
N PRO B 92 10.34 -0.86 -19.02
CA PRO B 92 11.07 -1.77 -18.12
C PRO B 92 12.33 -2.37 -18.73
N ASN B 93 13.32 -2.66 -17.88
CA ASN B 93 14.55 -3.28 -18.36
C ASN B 93 14.22 -4.74 -18.70
N LYS B 94 15.18 -5.46 -19.26
CA LYS B 94 14.92 -6.83 -19.68
C LYS B 94 14.38 -7.79 -18.62
N GLU B 95 14.89 -7.69 -17.40
CA GLU B 95 14.44 -8.56 -16.31
C GLU B 95 12.95 -8.29 -15.98
N ALA B 96 12.60 -7.01 -15.84
CA ALA B 96 11.23 -6.63 -15.51
C ALA B 96 10.26 -6.97 -16.63
N ALA B 97 10.74 -6.92 -17.87
CA ALA B 97 9.90 -7.21 -19.02
C ALA B 97 9.49 -8.68 -19.08
N LYS B 98 10.08 -9.51 -18.22
CA LYS B 98 9.76 -10.93 -18.20
C LYS B 98 8.32 -11.17 -17.76
N LEU B 99 7.72 -10.18 -17.10
CA LEU B 99 6.34 -10.32 -16.69
C LEU B 99 5.48 -10.51 -17.93
N GLU B 100 5.95 -10.03 -19.08
CA GLU B 100 5.22 -10.24 -20.34
C GLU B 100 5.96 -11.27 -21.19
N GLY B 101 7.29 -11.14 -21.21
CA GLY B 101 8.14 -12.00 -22.02
C GLY B 101 8.11 -13.50 -21.78
N SER B 102 7.76 -13.90 -20.56
CA SER B 102 7.69 -15.32 -20.24
C SER B 102 6.47 -15.63 -19.39
N LYS B 103 5.52 -16.38 -19.98
CA LYS B 103 4.30 -16.76 -19.29
C LYS B 103 4.61 -17.56 -18.04
N ALA B 104 5.59 -18.45 -18.13
CA ALA B 104 5.98 -19.27 -16.99
C ALA B 104 6.46 -18.40 -15.84
N PHE B 105 7.25 -17.38 -16.17
CA PHE B 105 7.76 -16.45 -15.17
C PHE B 105 6.57 -15.71 -14.55
N ALA B 106 5.69 -15.21 -15.41
CA ALA B 106 4.53 -14.46 -14.97
C ALA B 106 3.57 -15.27 -14.11
N LYS B 107 3.25 -16.49 -14.53
CA LYS B 107 2.33 -17.32 -13.76
C LYS B 107 2.92 -17.74 -12.43
N THR B 108 4.20 -18.10 -12.42
CA THR B 108 4.89 -18.51 -11.20
C THR B 108 4.91 -17.33 -10.22
N PHE B 109 5.15 -16.14 -10.77
CA PHE B 109 5.19 -14.90 -9.99
C PHE B 109 3.83 -14.65 -9.34
N MET B 110 2.77 -14.74 -10.15
CA MET B 110 1.42 -14.52 -9.63
C MET B 110 1.05 -15.51 -8.54
N LYS B 111 1.44 -16.77 -8.71
CA LYS B 111 1.14 -17.80 -7.73
C LYS B 111 1.87 -17.47 -6.43
N LYS B 112 3.15 -17.12 -6.55
CA LYS B 112 3.97 -16.80 -5.39
C LYS B 112 3.47 -15.59 -4.60
N TYR B 113 2.91 -14.61 -5.29
CA TYR B 113 2.46 -13.40 -4.62
C TYR B 113 0.94 -13.23 -4.48
N GLY B 114 0.22 -14.33 -4.66
CA GLY B 114 -1.23 -14.32 -4.50
C GLY B 114 -2.02 -13.45 -5.43
N ILE B 115 -1.58 -13.33 -6.67
CA ILE B 115 -2.28 -12.51 -7.65
C ILE B 115 -3.30 -13.40 -8.36
N PRO B 116 -4.58 -12.99 -8.36
CA PRO B 116 -5.68 -13.73 -8.99
C PRO B 116 -5.43 -13.96 -10.47
N THR B 117 -5.49 -15.22 -10.89
CA THR B 117 -5.26 -15.57 -12.28
C THR B 117 -5.85 -16.96 -12.55
N ALA B 118 -5.77 -17.43 -13.81
CA ALA B 118 -6.31 -18.75 -14.14
C ALA B 118 -5.41 -19.87 -13.61
N ARG B 119 -6.03 -20.95 -13.12
CA ARG B 119 -5.29 -22.10 -12.63
C ARG B 119 -4.51 -22.64 -13.83
N TYR B 120 -3.26 -23.04 -13.60
CA TYR B 120 -2.41 -23.47 -14.71
C TYR B 120 -1.40 -24.57 -14.40
N GLU B 121 -0.71 -24.99 -15.45
CA GLU B 121 0.35 -26.00 -15.38
C GLU B 121 1.33 -25.65 -16.50
N VAL B 122 2.63 -25.81 -16.23
CA VAL B 122 3.66 -25.51 -17.24
C VAL B 122 4.21 -26.81 -17.83
N PHE B 123 4.57 -26.80 -19.10
CA PHE B 123 5.08 -28.00 -19.75
C PHE B 123 6.15 -27.73 -20.81
N THR B 124 7.08 -28.67 -20.94
CA THR B 124 8.14 -28.60 -21.94
C THR B 124 8.11 -29.92 -22.72
N ASP B 125 7.41 -30.91 -22.16
CA ASP B 125 7.30 -32.21 -22.80
C ASP B 125 5.91 -32.37 -23.44
N PHE B 126 5.89 -32.67 -24.73
CA PHE B 126 4.63 -32.83 -25.47
C PHE B 126 3.67 -33.86 -24.89
N GLU B 127 4.17 -35.06 -24.61
CA GLU B 127 3.34 -36.13 -24.06
C GLU B 127 2.62 -35.70 -22.79
N LYS B 128 3.38 -35.20 -21.82
CA LYS B 128 2.80 -34.76 -20.56
C LYS B 128 1.77 -33.64 -20.78
N ALA B 129 2.02 -32.80 -21.77
CA ALA B 129 1.11 -31.69 -22.06
C ALA B 129 -0.18 -32.22 -22.68
N LYS B 130 -0.05 -33.13 -23.63
CA LYS B 130 -1.22 -33.72 -24.30
C LYS B 130 -1.98 -34.53 -23.27
N GLU B 131 -1.24 -35.22 -22.42
CA GLU B 131 -1.79 -36.07 -21.37
C GLU B 131 -2.62 -35.22 -20.41
N TYR B 132 -2.19 -33.99 -20.18
CA TYR B 132 -2.87 -33.07 -19.28
C TYR B 132 -4.19 -32.53 -19.84
N VAL B 133 -4.18 -32.12 -21.11
CA VAL B 133 -5.40 -31.59 -21.71
C VAL B 133 -6.45 -32.67 -21.90
N GLU B 134 -6.01 -33.92 -22.02
CA GLU B 134 -6.94 -35.03 -22.18
C GLU B 134 -7.62 -35.30 -20.84
N LYS B 135 -6.91 -34.97 -19.75
CA LYS B 135 -7.45 -35.17 -18.40
C LYS B 135 -8.40 -34.06 -17.99
N VAL B 136 -7.98 -32.81 -18.18
CA VAL B 136 -8.81 -31.66 -17.82
C VAL B 136 -9.89 -31.35 -18.86
N GLY B 137 -9.65 -31.75 -20.10
CA GLY B 137 -10.62 -31.51 -21.16
C GLY B 137 -10.71 -30.08 -21.66
N ALA B 138 -11.70 -29.83 -22.50
CA ALA B 138 -11.92 -28.50 -23.08
C ALA B 138 -13.23 -27.92 -22.56
N PRO B 139 -13.39 -26.59 -22.62
CA PRO B 139 -12.43 -25.61 -23.14
C PRO B 139 -11.18 -25.48 -22.28
N ILE B 140 -10.06 -25.13 -22.92
CA ILE B 140 -8.80 -24.98 -22.24
C ILE B 140 -7.94 -24.02 -23.07
N VAL B 141 -7.03 -23.31 -22.42
CA VAL B 141 -6.16 -22.35 -23.10
C VAL B 141 -4.70 -22.79 -23.13
N VAL B 142 -4.12 -22.80 -24.33
CA VAL B 142 -2.73 -23.20 -24.53
C VAL B 142 -1.92 -21.97 -24.94
N LYS B 143 -0.82 -21.71 -24.25
CA LYS B 143 0.00 -20.54 -24.56
C LYS B 143 1.50 -20.80 -24.65
N ALA B 144 2.13 -20.24 -25.66
CA ALA B 144 3.58 -20.37 -25.82
C ALA B 144 4.17 -19.55 -24.69
N ASP B 145 5.38 -19.89 -24.26
CA ASP B 145 6.00 -19.14 -23.18
C ASP B 145 6.43 -17.74 -23.60
N GLY B 146 7.05 -17.63 -24.77
CA GLY B 146 7.52 -16.33 -25.23
C GLY B 146 6.67 -15.61 -26.26
N LEU B 147 7.16 -14.47 -26.75
CA LEU B 147 6.44 -13.68 -27.73
C LEU B 147 6.28 -14.49 -29.01
N ALA B 148 5.13 -14.34 -29.67
CA ALA B 148 4.85 -15.07 -30.89
C ALA B 148 3.98 -14.27 -31.87
N ALA B 149 4.24 -12.98 -31.94
CA ALA B 149 3.50 -12.09 -32.84
C ALA B 149 1.99 -12.25 -32.79
N GLY B 150 1.44 -12.52 -31.60
CA GLY B 150 0.00 -12.66 -31.46
C GLY B 150 -0.59 -14.04 -31.73
N LYS B 151 0.27 -15.03 -31.95
CA LYS B 151 -0.19 -16.38 -32.22
C LYS B 151 0.17 -17.34 -31.09
N GLY B 152 0.72 -16.80 -30.01
CA GLY B 152 1.14 -17.63 -28.88
C GLY B 152 0.08 -18.10 -27.90
N ALA B 153 -1.01 -17.34 -27.77
CA ALA B 153 -2.08 -17.71 -26.84
C ALA B 153 -3.33 -18.14 -27.59
N VAL B 154 -3.71 -19.40 -27.44
CA VAL B 154 -4.87 -19.93 -28.16
C VAL B 154 -5.95 -20.57 -27.28
N VAL B 155 -7.18 -20.10 -27.44
CA VAL B 155 -8.31 -20.66 -26.70
C VAL B 155 -8.75 -21.90 -27.48
N CYS B 156 -8.70 -23.06 -26.82
CA CYS B 156 -9.07 -24.31 -27.48
C CYS B 156 -10.42 -24.85 -27.04
N GLU B 157 -11.37 -24.81 -27.96
CA GLU B 157 -12.74 -25.27 -27.70
C GLU B 157 -12.87 -26.79 -27.65
N THR B 158 -11.86 -27.50 -28.14
CA THR B 158 -11.87 -28.96 -28.13
C THR B 158 -10.51 -29.48 -27.75
N VAL B 159 -10.46 -30.75 -27.34
CA VAL B 159 -9.20 -31.36 -26.95
C VAL B 159 -8.29 -31.51 -28.18
N GLU B 160 -8.89 -31.79 -29.32
CA GLU B 160 -8.14 -31.94 -30.57
C GLU B 160 -7.44 -30.65 -30.94
N LYS B 161 -8.14 -29.54 -30.79
CA LYS B 161 -7.58 -28.22 -31.09
C LYS B 161 -6.39 -27.95 -30.17
N ALA B 162 -6.50 -28.39 -28.92
CA ALA B 162 -5.46 -28.20 -27.93
C ALA B 162 -4.22 -29.02 -28.26
N ILE B 163 -4.40 -30.29 -28.59
CA ILE B 163 -3.26 -31.14 -28.92
C ILE B 163 -2.59 -30.64 -30.21
N GLU B 164 -3.40 -30.18 -31.15
CA GLU B 164 -2.88 -29.68 -32.41
C GLU B 164 -1.93 -28.51 -32.15
N THR B 165 -2.38 -27.59 -31.28
CA THR B 165 -1.58 -26.42 -30.94
C THR B 165 -0.31 -26.83 -30.20
N LEU B 166 -0.45 -27.75 -29.25
CA LEU B 166 0.71 -28.21 -28.49
C LEU B 166 1.73 -28.81 -29.44
N ASP B 167 1.24 -29.53 -30.44
CA ASP B 167 2.13 -30.15 -31.41
C ASP B 167 2.95 -29.09 -32.14
N ARG B 168 2.28 -28.05 -32.62
CA ARG B 168 2.93 -26.96 -33.33
C ARG B 168 3.97 -26.26 -32.45
N PHE B 169 3.61 -26.04 -31.18
CA PHE B 169 4.49 -25.36 -30.24
C PHE B 169 5.68 -26.19 -29.77
N LEU B 170 5.40 -27.34 -29.18
CA LEU B 170 6.43 -28.21 -28.63
C LEU B 170 7.16 -29.11 -29.62
N ASN B 171 6.42 -29.75 -30.54
CA ASN B 171 7.03 -30.64 -31.51
C ASN B 171 7.63 -29.92 -32.71
N LYS B 172 6.83 -29.09 -33.37
CA LYS B 172 7.31 -28.35 -34.53
C LYS B 172 8.12 -27.11 -34.14
N LYS B 173 8.02 -26.69 -32.88
CA LYS B 173 8.76 -25.53 -32.40
C LYS B 173 8.59 -24.35 -33.35
N ILE B 174 7.36 -24.11 -33.78
CA ILE B 174 7.04 -23.02 -34.71
C ILE B 174 7.59 -21.66 -34.29
N PHE B 175 7.67 -21.41 -32.98
CA PHE B 175 8.19 -20.14 -32.50
C PHE B 175 9.55 -20.27 -31.83
N GLY B 176 10.35 -21.22 -32.30
CA GLY B 176 11.67 -21.41 -31.71
C GLY B 176 11.59 -21.65 -30.23
N LYS B 177 12.51 -21.06 -29.47
CA LYS B 177 12.55 -21.23 -28.03
C LYS B 177 11.28 -20.72 -27.35
N SER B 178 10.61 -19.77 -28.00
CA SER B 178 9.39 -19.19 -27.45
C SER B 178 8.29 -20.22 -27.26
N SER B 179 8.35 -21.33 -28.00
CA SER B 179 7.33 -22.37 -27.86
C SER B 179 7.86 -23.69 -27.34
N GLU B 180 9.11 -23.69 -26.88
CA GLU B 180 9.70 -24.93 -26.34
C GLU B 180 9.20 -25.13 -24.91
N ARG B 181 8.42 -24.17 -24.43
CA ARG B 181 7.82 -24.22 -23.11
C ARG B 181 6.43 -23.63 -23.26
N VAL B 182 5.44 -24.24 -22.61
CA VAL B 182 4.08 -23.74 -22.72
C VAL B 182 3.35 -23.68 -21.39
N VAL B 183 2.29 -22.88 -21.36
CA VAL B 183 1.46 -22.75 -20.19
C VAL B 183 0.05 -23.13 -20.62
N ILE B 184 -0.56 -24.03 -19.85
CA ILE B 184 -1.92 -24.48 -20.13
C ILE B 184 -2.77 -24.01 -18.96
N GLU B 185 -3.78 -23.21 -19.23
CA GLU B 185 -4.61 -22.71 -18.15
C GLU B 185 -6.10 -22.81 -18.40
N GLU B 186 -6.87 -22.74 -17.31
CA GLU B 186 -8.32 -22.83 -17.38
C GLU B 186 -8.94 -21.68 -18.16
N PHE B 187 -10.01 -21.99 -18.87
CA PHE B 187 -10.73 -20.99 -19.63
C PHE B 187 -11.58 -20.21 -18.62
N LEU B 188 -11.40 -18.90 -18.56
CA LEU B 188 -12.17 -18.06 -17.65
C LEU B 188 -13.33 -17.39 -18.35
N GLU B 189 -14.45 -17.27 -17.66
CA GLU B 189 -15.62 -16.63 -18.24
C GLU B 189 -15.91 -15.32 -17.52
N GLY B 190 -16.43 -14.35 -18.27
CA GLY B 190 -16.76 -13.06 -17.71
C GLY B 190 -16.62 -11.98 -18.75
N GLU B 191 -16.30 -10.77 -18.30
CA GLU B 191 -16.12 -9.62 -19.18
C GLU B 191 -14.65 -9.22 -19.21
N GLU B 192 -14.11 -8.99 -20.40
CA GLU B 192 -12.71 -8.58 -20.49
C GLU B 192 -12.60 -7.08 -20.18
N ALA B 193 -11.47 -6.70 -19.62
CA ALA B 193 -11.21 -5.30 -19.31
C ALA B 193 -9.71 -5.08 -19.26
N SER B 194 -9.30 -3.84 -19.52
CA SER B 194 -7.89 -3.49 -19.51
C SER B 194 -7.58 -2.42 -18.48
N TYR B 195 -6.71 -2.74 -17.53
CA TYR B 195 -6.34 -1.77 -16.50
C TYR B 195 -4.85 -1.48 -16.70
N ILE B 196 -4.53 -0.21 -16.88
CA ILE B 196 -3.15 0.20 -17.13
C ILE B 196 -2.69 1.25 -16.13
N VAL B 197 -1.48 1.07 -15.60
CA VAL B 197 -0.91 2.02 -14.65
C VAL B 197 0.51 2.34 -15.09
N MET B 198 1.07 3.40 -14.52
CA MET B 198 2.46 3.76 -14.79
C MET B 198 3.12 3.41 -13.46
N ILE B 199 4.26 2.75 -13.50
CA ILE B 199 4.98 2.35 -12.29
C ILE B 199 6.41 2.83 -12.32
N ASN B 200 6.93 3.19 -11.15
CA ASN B 200 8.32 3.58 -11.02
C ASN B 200 8.68 3.20 -9.59
N GLY B 201 9.18 1.99 -9.43
CA GLY B 201 9.53 1.52 -8.11
C GLY B 201 8.27 1.34 -7.27
N ASP B 202 8.27 1.94 -6.09
CA ASP B 202 7.15 1.83 -5.16
C ASP B 202 5.92 2.65 -5.54
N ARG B 203 6.06 3.58 -6.48
CA ARG B 203 4.94 4.42 -6.88
C ARG B 203 4.24 4.00 -8.16
N TYR B 204 2.92 4.13 -8.19
CA TYR B 204 2.15 3.82 -9.39
C TYR B 204 1.01 4.81 -9.51
N VAL B 205 0.64 5.11 -10.75
CA VAL B 205 -0.45 6.04 -11.03
C VAL B 205 -1.31 5.40 -12.11
N PRO B 206 -2.63 5.30 -11.87
CA PRO B 206 -3.52 4.69 -12.86
C PRO B 206 -3.79 5.57 -14.05
N LEU B 207 -4.02 4.95 -15.20
CA LEU B 207 -4.37 5.67 -16.42
C LEU B 207 -5.83 5.28 -16.65
N PRO B 208 -6.53 5.98 -17.55
CA PRO B 208 -7.95 5.66 -17.83
C PRO B 208 -8.22 4.18 -18.09
N THR B 209 -9.37 3.70 -17.64
CA THR B 209 -9.76 2.30 -17.86
C THR B 209 -10.26 2.12 -19.29
N SER B 210 -10.33 0.88 -19.74
CA SER B 210 -10.79 0.62 -21.11
C SER B 210 -11.14 -0.83 -21.33
N GLN B 211 -11.87 -1.09 -22.41
CA GLN B 211 -12.26 -2.45 -22.77
C GLN B 211 -12.00 -2.63 -24.25
N ASP B 212 -11.26 -3.69 -24.57
CA ASP B 212 -10.88 -4.03 -25.94
C ASP B 212 -11.81 -5.12 -26.45
N HIS B 213 -11.75 -5.40 -27.75
CA HIS B 213 -12.57 -6.44 -28.37
C HIS B 213 -11.58 -7.27 -29.18
N LYS B 214 -11.20 -8.41 -28.64
CA LYS B 214 -10.19 -9.27 -29.25
C LYS B 214 -10.53 -10.11 -30.48
N ARG B 215 -11.74 -10.66 -30.53
CA ARG B 215 -12.10 -11.49 -31.66
C ARG B 215 -12.25 -10.65 -32.93
N LEU B 216 -12.04 -11.30 -34.06
CA LEU B 216 -12.12 -10.62 -35.35
C LEU B 216 -13.51 -10.15 -35.76
N LEU B 217 -14.51 -10.95 -35.44
CA LEU B 217 -15.89 -10.66 -35.85
C LEU B 217 -16.87 -10.19 -34.79
N ASP B 218 -17.96 -9.57 -35.25
CA ASP B 218 -19.00 -9.09 -34.35
C ASP B 218 -19.50 -10.28 -33.53
N GLU B 219 -20.07 -10.01 -32.36
CA GLU B 219 -20.50 -10.99 -31.37
C GLU B 219 -19.38 -11.95 -30.99
N ASP B 220 -18.21 -11.39 -30.89
CA ASP B 220 -17.04 -12.10 -30.39
C ASP B 220 -16.82 -13.44 -31.09
N LYS B 221 -16.86 -13.41 -32.42
CA LYS B 221 -16.66 -14.61 -33.22
C LYS B 221 -15.39 -14.51 -34.08
N GLY B 222 -14.98 -15.62 -34.67
CA GLY B 222 -13.77 -15.59 -35.46
C GLY B 222 -12.55 -15.76 -34.59
N PRO B 223 -11.35 -15.76 -35.19
CA PRO B 223 -10.12 -15.93 -34.43
C PRO B 223 -9.72 -14.72 -33.58
N ASN B 224 -8.77 -14.96 -32.69
CA ASN B 224 -8.23 -13.94 -31.80
C ASN B 224 -7.37 -12.98 -32.62
N THR B 225 -7.32 -11.72 -32.20
CA THR B 225 -6.51 -10.71 -32.90
C THR B 225 -5.81 -9.86 -31.85
N GLY B 226 -5.05 -8.86 -32.32
CA GLY B 226 -4.36 -7.98 -31.39
C GLY B 226 -5.30 -7.01 -30.70
N GLY B 227 -6.52 -6.90 -31.22
CA GLY B 227 -7.50 -5.97 -30.66
C GLY B 227 -8.19 -5.23 -31.79
N MET B 228 -9.51 -5.37 -31.88
CA MET B 228 -10.28 -4.73 -32.96
C MET B 228 -10.97 -3.42 -32.61
N GLY B 229 -10.79 -2.94 -31.38
CA GLY B 229 -11.42 -1.70 -30.99
C GLY B 229 -11.49 -1.58 -29.48
N ALA B 230 -11.48 -0.35 -28.99
CA ALA B 230 -11.55 -0.13 -27.55
C ALA B 230 -12.16 1.23 -27.23
N TYR B 231 -12.69 1.36 -26.02
CA TYR B 231 -13.30 2.60 -25.60
C TYR B 231 -12.91 2.84 -24.15
N SER B 232 -13.02 4.10 -23.71
CA SER B 232 -12.66 4.49 -22.36
C SER B 232 -13.57 5.63 -21.90
N PRO B 233 -14.01 5.59 -20.63
CA PRO B 233 -13.69 4.53 -19.66
C PRO B 233 -14.68 3.37 -19.84
N THR B 234 -14.43 2.26 -19.14
CA THR B 234 -15.35 1.13 -19.24
C THR B 234 -16.09 0.92 -17.92
N PRO B 235 -17.44 0.83 -17.98
CA PRO B 235 -18.27 0.63 -16.80
C PRO B 235 -18.08 -0.75 -16.20
N VAL B 236 -17.42 -1.63 -16.95
CA VAL B 236 -17.14 -2.98 -16.49
C VAL B 236 -16.26 -2.88 -15.25
N ILE B 237 -15.45 -1.82 -15.18
CA ILE B 237 -14.59 -1.60 -14.02
C ILE B 237 -15.16 -0.46 -13.17
N ASN B 238 -16.01 -0.82 -12.24
CA ASN B 238 -16.56 0.16 -11.32
C ASN B 238 -15.64 0.35 -10.11
N GLU B 239 -16.06 1.19 -9.18
CA GLU B 239 -15.13 1.34 -8.07
C GLU B 239 -14.89 0.03 -7.33
N GLU B 240 -15.89 -0.79 -7.02
CA GLU B 240 -15.68 -2.05 -6.30
C GLU B 240 -14.63 -2.90 -7.03
N VAL B 241 -14.72 -3.01 -8.35
CA VAL B 241 -13.76 -3.79 -9.13
C VAL B 241 -12.38 -3.13 -9.19
N GLU B 242 -12.35 -1.81 -9.41
CA GLU B 242 -11.05 -1.13 -9.50
C GLU B 242 -10.27 -1.25 -8.20
N LYS B 243 -10.98 -1.18 -7.08
CA LYS B 243 -10.34 -1.30 -5.77
C LYS B 243 -9.69 -2.68 -5.63
N ARG B 244 -10.39 -3.71 -6.11
CA ARG B 244 -9.85 -5.07 -6.03
C ARG B 244 -8.64 -5.23 -6.97
N ILE B 245 -8.71 -4.60 -8.13
CA ILE B 245 -7.61 -4.68 -9.09
C ILE B 245 -6.36 -4.06 -8.48
N ARG B 246 -6.51 -2.87 -7.88
CA ARG B 246 -5.37 -2.18 -7.30
C ARG B 246 -4.77 -2.92 -6.11
N GLU B 247 -5.63 -3.49 -5.27
CA GLU B 247 -5.16 -4.20 -4.08
C GLU B 247 -4.69 -5.62 -4.34
N GLU B 248 -5.48 -6.38 -5.08
CA GLU B 248 -5.17 -7.78 -5.36
C GLU B 248 -4.23 -8.04 -6.53
N ILE B 249 -4.07 -7.04 -7.40
CA ILE B 249 -3.22 -7.20 -8.56
C ILE B 249 -2.05 -6.22 -8.64
N VAL B 250 -2.33 -4.94 -8.87
CA VAL B 250 -1.26 -3.95 -8.98
C VAL B 250 -0.33 -3.90 -7.77
N GLU B 251 -0.90 -3.71 -6.58
CA GLU B 251 -0.08 -3.62 -5.38
C GLU B 251 0.68 -4.90 -5.05
N ARG B 252 0.10 -6.06 -5.35
CA ARG B 252 0.79 -7.31 -5.07
C ARG B 252 1.92 -7.49 -6.08
N VAL B 253 1.75 -6.95 -7.28
CA VAL B 253 2.80 -7.03 -8.30
C VAL B 253 3.96 -6.18 -7.79
N ILE B 254 3.64 -5.00 -7.26
CA ILE B 254 4.67 -4.10 -6.74
C ILE B 254 5.40 -4.80 -5.58
N LYS B 255 4.63 -5.41 -4.69
CA LYS B 255 5.21 -6.12 -3.56
C LYS B 255 6.10 -7.26 -4.03
N GLY B 256 5.62 -8.01 -5.02
CA GLY B 256 6.39 -9.12 -5.56
C GLY B 256 7.70 -8.69 -6.18
N LEU B 257 7.66 -7.61 -6.95
CA LEU B 257 8.88 -7.11 -7.59
C LEU B 257 9.88 -6.67 -6.52
N LYS B 258 9.38 -6.04 -5.46
CA LYS B 258 10.24 -5.60 -4.38
C LYS B 258 10.91 -6.80 -3.71
N GLU B 259 10.13 -7.85 -3.48
CA GLU B 259 10.67 -9.06 -2.85
C GLU B 259 11.70 -9.74 -3.74
N GLU B 260 11.48 -9.69 -5.06
CA GLU B 260 12.39 -10.30 -6.02
C GLU B 260 13.61 -9.44 -6.30
N GLY B 261 13.59 -8.20 -5.81
CA GLY B 261 14.71 -7.31 -6.03
C GLY B 261 14.76 -6.80 -7.47
N ILE B 262 13.61 -6.79 -8.15
CA ILE B 262 13.52 -6.34 -9.53
C ILE B 262 12.94 -4.93 -9.64
N TYR B 263 13.69 -4.03 -10.26
CA TYR B 263 13.25 -2.66 -10.43
C TYR B 263 12.38 -2.54 -11.69
N TYR B 264 11.22 -1.93 -11.54
CA TYR B 264 10.28 -1.77 -12.65
C TYR B 264 9.91 -0.31 -12.85
N ARG B 265 10.06 0.17 -14.08
CA ARG B 265 9.68 1.52 -14.42
C ARG B 265 9.04 1.46 -15.81
N GLY B 266 7.83 1.99 -15.93
CA GLY B 266 7.16 1.97 -17.21
C GLY B 266 5.66 1.75 -17.08
N PHE B 267 5.01 1.36 -18.17
CA PHE B 267 3.57 1.09 -18.11
C PHE B 267 3.41 -0.37 -17.75
N LEU B 268 2.32 -0.71 -17.07
CA LEU B 268 2.00 -2.09 -16.76
C LEU B 268 0.53 -2.21 -17.10
N TYR B 269 0.25 -2.94 -18.16
CA TYR B 269 -1.11 -3.14 -18.62
C TYR B 269 -1.54 -4.55 -18.26
N ALA B 270 -2.50 -4.64 -17.35
CA ALA B 270 -3.01 -5.94 -16.92
C ALA B 270 -4.24 -6.32 -17.75
N GLY B 271 -4.08 -7.37 -18.56
CA GLY B 271 -5.16 -7.87 -19.38
C GLY B 271 -6.03 -8.68 -18.44
N LEU B 272 -7.24 -8.21 -18.21
CA LEU B 272 -8.12 -8.84 -17.25
C LEU B 272 -9.40 -9.47 -17.74
N MET B 273 -9.92 -10.37 -16.91
CA MET B 273 -11.19 -11.02 -17.16
C MET B 273 -11.90 -10.74 -15.85
N ILE B 274 -13.01 -10.00 -15.91
CA ILE B 274 -13.76 -9.71 -14.71
C ILE B 274 -14.75 -10.87 -14.54
N THR B 275 -14.44 -11.78 -13.63
CA THR B 275 -15.28 -12.96 -13.38
C THR B 275 -16.14 -12.69 -12.16
N LYS B 276 -17.08 -13.58 -11.88
CA LYS B 276 -17.93 -13.39 -10.71
C LYS B 276 -17.06 -13.56 -9.46
N GLU B 277 -15.95 -14.27 -9.61
CA GLU B 277 -15.02 -14.50 -8.51
C GLU B 277 -14.16 -13.26 -8.28
N GLY B 278 -14.19 -12.33 -9.23
CA GLY B 278 -13.40 -11.12 -9.11
C GLY B 278 -12.48 -10.92 -10.31
N PRO B 279 -11.71 -9.83 -10.34
CA PRO B 279 -10.81 -9.59 -11.48
C PRO B 279 -9.62 -10.55 -11.46
N LYS B 280 -9.35 -11.16 -12.62
CA LYS B 280 -8.23 -12.09 -12.75
C LYS B 280 -7.33 -11.74 -13.95
N VAL B 281 -6.04 -11.92 -13.76
CA VAL B 281 -5.07 -11.60 -14.80
C VAL B 281 -4.96 -12.66 -15.88
N LEU B 282 -5.24 -12.27 -17.13
CA LEU B 282 -5.11 -13.18 -18.26
C LEU B 282 -3.64 -13.16 -18.65
N GLU B 283 -3.04 -11.98 -18.55
CA GLU B 283 -1.62 -11.83 -18.85
C GLU B 283 -1.15 -10.43 -18.50
N PHE B 284 0.15 -10.25 -18.35
CA PHE B 284 0.71 -8.94 -18.07
C PHE B 284 1.36 -8.44 -19.34
N ASN B 285 1.19 -7.14 -19.62
CA ASN B 285 1.78 -6.50 -20.78
C ASN B 285 2.57 -5.33 -20.20
N VAL B 286 3.87 -5.33 -20.44
CA VAL B 286 4.75 -4.30 -19.89
C VAL B 286 4.88 -3.01 -20.70
N ARG B 287 3.75 -2.56 -21.24
CA ARG B 287 3.69 -1.36 -22.06
C ARG B 287 2.23 -1.05 -22.27
N LEU B 288 1.95 0.01 -23.03
CA LEU B 288 0.56 0.37 -23.32
C LEU B 288 -0.05 -0.66 -24.26
N GLY B 289 -1.36 -0.83 -24.15
CA GLY B 289 -2.02 -1.77 -25.04
C GLY B 289 -2.34 -1.06 -26.34
N ASP B 290 -2.55 -1.84 -27.39
CA ASP B 290 -2.92 -1.32 -28.70
C ASP B 290 -4.09 -2.23 -29.05
N PRO B 291 -5.29 -1.66 -29.29
CA PRO B 291 -5.70 -0.25 -29.31
C PRO B 291 -6.09 0.48 -28.01
N GLU B 292 -5.80 -0.09 -26.84
CA GLU B 292 -6.17 0.58 -25.60
C GLU B 292 -5.59 1.99 -25.49
N ALA B 293 -4.34 2.16 -25.89
CA ALA B 293 -3.67 3.46 -25.80
C ALA B 293 -4.40 4.58 -26.51
N GLN B 294 -5.03 4.26 -27.64
CA GLN B 294 -5.73 5.28 -28.41
C GLN B 294 -6.80 6.01 -27.60
N PRO B 295 -7.88 5.33 -27.17
CA PRO B 295 -8.89 6.07 -26.40
C PRO B 295 -8.33 6.60 -25.08
N ILE B 296 -7.44 5.84 -24.46
CA ILE B 296 -6.85 6.25 -23.19
C ILE B 296 -6.13 7.59 -23.30
N LEU B 297 -5.21 7.71 -24.26
CA LEU B 297 -4.47 8.96 -24.41
C LEU B 297 -5.38 10.09 -24.88
N MET B 298 -6.45 9.75 -25.59
CA MET B 298 -7.40 10.76 -26.04
C MET B 298 -8.04 11.41 -24.82
N ARG B 299 -8.03 10.69 -23.69
CA ARG B 299 -8.64 11.18 -22.47
C ARG B 299 -7.72 11.71 -21.38
N VAL B 300 -6.42 11.79 -21.66
CA VAL B 300 -5.48 12.35 -20.70
C VAL B 300 -5.36 13.82 -21.11
N LYS B 301 -5.93 14.71 -20.29
CA LYS B 301 -5.92 16.14 -20.60
C LYS B 301 -4.62 16.89 -20.42
N ASN B 302 -3.79 16.47 -19.47
CA ASN B 302 -2.53 17.17 -19.22
C ASN B 302 -1.43 16.83 -20.23
N ASP B 303 -0.32 17.56 -20.13
CA ASP B 303 0.83 17.36 -21.00
C ASP B 303 1.39 15.99 -20.66
N PHE B 304 1.17 15.02 -21.53
CA PHE B 304 1.64 13.66 -21.29
C PHE B 304 3.17 13.55 -21.28
N LEU B 305 3.85 14.37 -22.08
CA LEU B 305 5.30 14.33 -22.11
C LEU B 305 5.86 14.79 -20.76
N GLU B 306 5.32 15.89 -20.26
CA GLU B 306 5.76 16.43 -18.98
C GLU B 306 5.47 15.41 -17.88
N THR B 307 4.30 14.79 -17.97
CA THR B 307 3.89 13.79 -17.00
C THR B 307 4.87 12.62 -16.99
N LEU B 308 5.21 12.11 -18.17
CA LEU B 308 6.16 11.00 -18.26
C LEU B 308 7.53 11.40 -17.74
N LEU B 309 7.98 12.61 -18.09
CA LEU B 309 9.29 13.08 -17.65
C LEU B 309 9.34 13.19 -16.14
N ASN B 310 8.32 13.81 -15.55
CA ASN B 310 8.28 13.98 -14.10
C ASN B 310 8.15 12.63 -13.39
N PHE B 311 7.30 11.75 -13.90
CA PHE B 311 7.10 10.44 -13.29
C PHE B 311 8.38 9.59 -13.41
N TYR B 312 9.06 9.72 -14.55
CA TYR B 312 10.31 8.99 -14.80
C TYR B 312 11.36 9.29 -13.73
N GLU B 313 11.45 10.54 -13.30
CA GLU B 313 12.45 10.89 -12.30
C GLU B 313 12.00 10.79 -10.85
N GLY B 314 10.90 10.06 -10.62
CA GLY B 314 10.41 9.85 -9.27
C GLY B 314 9.50 10.91 -8.67
N LYS B 315 9.01 11.83 -9.48
CA LYS B 315 8.12 12.88 -8.99
C LYS B 315 6.68 12.40 -9.04
N ASP B 316 5.85 12.91 -8.14
CA ASP B 316 4.45 12.52 -8.14
C ASP B 316 3.76 13.22 -9.31
N VAL B 317 2.77 12.56 -9.88
CA VAL B 317 2.03 13.14 -11.00
C VAL B 317 0.56 12.88 -10.77
N HIS B 318 -0.28 13.70 -11.38
CA HIS B 318 -1.73 13.57 -11.24
C HIS B 318 -2.35 13.66 -12.63
N ILE B 319 -3.07 12.60 -13.01
CA ILE B 319 -3.70 12.56 -14.30
C ILE B 319 -5.12 13.12 -14.26
N LYS B 320 -5.39 14.08 -15.15
CA LYS B 320 -6.70 14.69 -15.24
C LYS B 320 -7.38 14.05 -16.43
N GLU B 321 -8.47 13.34 -16.20
CA GLU B 321 -9.17 12.66 -17.27
C GLU B 321 -10.24 13.51 -17.95
N ASP B 322 -10.31 13.40 -19.27
CA ASP B 322 -11.29 14.12 -20.06
C ASP B 322 -12.66 13.59 -19.64
N GLU B 323 -13.62 14.49 -19.46
CA GLU B 323 -14.97 14.11 -19.05
C GLU B 323 -15.70 13.34 -20.14
N ARG B 324 -15.17 13.39 -21.36
CA ARG B 324 -15.78 12.70 -22.49
C ARG B 324 -15.32 11.27 -22.67
N TYR B 325 -16.19 10.45 -23.26
CA TYR B 325 -15.89 9.06 -23.59
C TYR B 325 -15.06 9.12 -24.86
N ALA B 326 -14.26 8.09 -25.09
CA ALA B 326 -13.46 8.01 -26.32
C ALA B 326 -13.62 6.59 -26.83
N LEU B 327 -13.90 6.44 -28.12
CA LEU B 327 -14.06 5.12 -28.70
C LEU B 327 -13.26 5.00 -29.97
N ASP B 328 -12.62 3.84 -30.15
CA ASP B 328 -11.78 3.57 -31.30
C ASP B 328 -12.21 2.31 -32.04
N VAL B 329 -12.42 2.44 -33.35
CA VAL B 329 -12.79 1.29 -34.18
C VAL B 329 -11.63 0.99 -35.13
N VAL B 330 -11.14 -0.23 -35.07
CA VAL B 330 -10.03 -0.65 -35.93
C VAL B 330 -10.49 -1.13 -37.29
N LEU B 331 -9.85 -0.62 -38.34
CA LEU B 331 -10.15 -1.05 -39.71
C LEU B 331 -8.98 -1.94 -40.10
N ALA B 332 -9.25 -3.22 -40.33
CA ALA B 332 -8.22 -4.19 -40.68
C ALA B 332 -8.25 -4.59 -42.13
N SER B 333 -7.12 -5.11 -42.62
CA SER B 333 -7.04 -5.54 -44.00
C SER B 333 -7.56 -6.98 -44.11
N ARG B 334 -7.93 -7.35 -45.32
CA ARG B 334 -8.42 -8.70 -45.58
C ARG B 334 -7.26 -9.65 -45.29
N GLY B 335 -7.56 -10.81 -44.71
CA GLY B 335 -6.50 -11.75 -44.38
C GLY B 335 -6.10 -11.70 -42.91
N TYR B 336 -6.23 -10.53 -42.30
CA TYR B 336 -5.89 -10.36 -40.87
C TYR B 336 -6.87 -11.23 -40.08
N PRO B 337 -6.40 -11.89 -38.99
CA PRO B 337 -5.08 -11.94 -38.37
C PRO B 337 -4.06 -12.86 -39.03
N GLU B 338 -4.41 -13.72 -39.98
CA GLU B 338 -3.47 -14.56 -40.73
C GLU B 338 -2.80 -13.60 -41.72
N LYS B 339 -2.05 -13.95 -42.75
CA LYS B 339 -1.26 -13.08 -43.60
C LYS B 339 -2.22 -12.05 -44.21
N PRO B 340 -1.99 -10.77 -43.92
CA PRO B 340 -2.88 -9.75 -44.47
C PRO B 340 -2.53 -9.29 -45.89
N GLU B 341 -3.55 -8.84 -46.60
CA GLU B 341 -3.43 -8.34 -47.95
C GLU B 341 -2.98 -6.90 -47.76
N THR B 342 -2.01 -6.45 -48.56
CA THR B 342 -1.53 -5.08 -48.44
C THR B 342 -1.45 -4.36 -49.78
N GLY B 343 -1.06 -3.09 -49.74
CA GLY B 343 -0.92 -2.32 -50.96
C GLY B 343 -2.19 -1.69 -51.48
N LYS B 344 -3.24 -1.66 -50.67
CA LYS B 344 -4.51 -1.07 -51.09
C LYS B 344 -4.56 0.42 -50.76
N ILE B 345 -5.04 1.21 -51.72
CA ILE B 345 -5.13 2.65 -51.51
C ILE B 345 -6.21 2.98 -50.48
N ILE B 346 -5.85 3.96 -49.64
CA ILE B 346 -6.84 4.33 -48.62
C ILE B 346 -7.38 5.71 -48.98
N HIS B 347 -8.70 5.84 -49.04
CA HIS B 347 -9.50 7.01 -49.43
C HIS B 347 -10.26 7.59 -48.26
N GLY B 348 -10.36 8.89 -48.38
CA GLY B 348 -11.11 9.60 -47.36
C GLY B 348 -10.45 10.21 -46.15
N LEU B 349 -9.17 9.92 -45.93
CA LEU B 349 -8.47 10.47 -44.76
C LEU B 349 -8.64 11.98 -44.63
N ASP B 350 -8.71 12.67 -45.77
CA ASP B 350 -8.88 14.12 -45.76
C ASP B 350 -10.26 14.53 -45.26
N TYR B 351 -11.28 13.73 -45.58
CA TYR B 351 -12.63 14.04 -45.11
C TYR B 351 -12.63 14.00 -43.58
N LEU B 352 -12.05 12.94 -43.04
CA LEU B 352 -12.01 12.75 -41.59
C LEU B 352 -11.28 13.86 -40.82
N LYS B 353 -10.24 14.42 -41.41
CA LYS B 353 -9.50 15.48 -40.73
C LYS B 353 -10.39 16.70 -40.47
N SER B 354 -11.42 16.86 -41.31
CA SER B 354 -12.35 17.98 -41.19
C SER B 354 -13.49 17.73 -40.19
N MET B 355 -13.69 16.47 -39.80
CA MET B 355 -14.76 16.12 -38.88
C MET B 355 -14.37 16.40 -37.44
N GLU B 356 -15.18 17.19 -36.73
CA GLU B 356 -14.87 17.51 -35.34
C GLU B 356 -15.17 16.30 -34.45
N ASP B 357 -14.48 16.28 -33.29
CA ASP B 357 -14.51 15.16 -32.36
C ASP B 357 -14.17 13.82 -33.01
N VAL B 358 -13.44 13.77 -34.12
CA VAL B 358 -12.92 12.54 -34.73
C VAL B 358 -11.40 12.64 -34.77
N VAL B 359 -10.73 11.52 -34.50
CA VAL B 359 -9.27 11.47 -34.52
C VAL B 359 -8.88 10.13 -35.15
N VAL B 360 -7.99 10.17 -36.13
CA VAL B 360 -7.55 8.94 -36.79
C VAL B 360 -6.10 8.60 -36.47
N PHE B 361 -5.88 7.42 -35.92
CA PHE B 361 -4.53 6.97 -35.60
C PHE B 361 -4.17 5.88 -36.59
N HIS B 362 -3.09 5.98 -37.35
CA HIS B 362 -2.61 5.01 -38.34
C HIS B 362 -1.88 3.86 -37.67
N ALA B 363 -2.15 2.73 -38.31
CA ALA B 363 -1.33 1.68 -37.73
C ALA B 363 -0.49 1.16 -38.89
N GLY B 364 -1.26 0.56 -39.80
CA GLY B 364 -0.42 -0.04 -40.81
C GLY B 364 -0.55 0.58 -42.19
N THR B 365 0.08 1.74 -42.30
CA THR B 365 -0.03 2.59 -43.48
C THR B 365 1.34 3.06 -43.94
N LYS B 366 1.49 3.25 -45.24
CA LYS B 366 2.75 3.71 -45.80
C LYS B 366 2.39 4.58 -47.01
N LYS B 367 3.39 5.19 -47.61
CA LYS B 367 3.17 6.05 -48.77
C LYS B 367 3.60 5.33 -50.03
N GLU B 368 2.87 5.59 -51.12
CA GLU B 368 3.15 5.04 -52.43
C GLU B 368 2.94 6.25 -53.33
N GLY B 369 4.01 6.99 -53.57
CA GLY B 369 3.87 8.21 -54.36
C GLY B 369 3.18 9.17 -53.40
N ASN B 370 2.06 9.75 -53.82
CA ASN B 370 1.33 10.68 -52.97
C ASN B 370 0.13 9.99 -52.34
N PHE B 371 0.00 8.68 -52.57
CA PHE B 371 -1.11 7.92 -52.01
C PHE B 371 -0.73 7.24 -50.70
N THR B 372 -1.71 7.10 -49.81
CA THR B 372 -1.48 6.42 -48.55
C THR B 372 -2.03 5.02 -48.82
N VAL B 373 -1.25 3.99 -48.52
CA VAL B 373 -1.69 2.62 -48.78
C VAL B 373 -1.54 1.72 -47.56
N THR B 374 -2.28 0.62 -47.54
CA THR B 374 -2.21 -0.31 -46.42
C THR B 374 -0.88 -1.06 -46.45
N SER B 375 -0.36 -1.36 -45.26
CA SER B 375 0.92 -2.05 -45.18
C SER B 375 0.94 -3.15 -44.12
N GLY B 376 -0.18 -3.37 -43.45
CA GLY B 376 -0.22 -4.39 -42.42
C GLY B 376 -1.62 -4.88 -42.08
N GLY B 377 -1.73 -5.68 -41.03
CA GLY B 377 -3.01 -6.25 -40.61
C GLY B 377 -3.99 -5.19 -40.15
N ARG B 378 -3.65 -4.49 -39.08
CA ARG B 378 -4.50 -3.40 -38.61
C ARG B 378 -4.01 -2.19 -39.38
N VAL B 379 -4.94 -1.46 -39.99
CA VAL B 379 -4.60 -0.31 -40.83
C VAL B 379 -4.90 1.05 -40.20
N LEU B 380 -6.15 1.22 -39.76
CA LEU B 380 -6.57 2.49 -39.18
C LEU B 380 -7.37 2.35 -37.91
N ASN B 381 -7.29 3.38 -37.09
CA ASN B 381 -8.03 3.47 -35.84
C ASN B 381 -8.89 4.72 -36.03
N VAL B 382 -10.19 4.52 -36.23
CA VAL B 382 -11.10 5.64 -36.41
C VAL B 382 -11.71 5.88 -35.04
N CYS B 383 -11.32 7.01 -34.43
CA CYS B 383 -11.77 7.35 -33.09
C CYS B 383 -12.64 8.59 -32.99
N ALA B 384 -13.44 8.63 -31.93
CA ALA B 384 -14.31 9.76 -31.69
C ALA B 384 -14.59 9.97 -30.20
N TYR B 385 -14.80 11.24 -29.85
CA TYR B 385 -15.13 11.65 -28.50
C TYR B 385 -16.65 11.69 -28.44
N GLY B 386 -17.20 11.54 -27.25
CA GLY B 386 -18.64 11.57 -27.11
C GLY B 386 -19.01 11.94 -25.68
N LYS B 387 -20.04 12.76 -25.52
CA LYS B 387 -20.47 13.14 -24.19
C LYS B 387 -20.97 11.88 -23.51
N THR B 388 -21.56 11.01 -24.32
CA THR B 388 -22.07 9.72 -23.86
C THR B 388 -21.35 8.68 -24.71
N LEU B 389 -21.37 7.42 -24.27
CA LEU B 389 -20.71 6.37 -25.04
C LEU B 389 -21.46 6.15 -26.35
N LYS B 390 -22.78 6.27 -26.31
CA LYS B 390 -23.59 6.12 -27.51
C LYS B 390 -23.13 7.14 -28.56
N GLU B 391 -22.94 8.38 -28.13
CA GLU B 391 -22.49 9.43 -29.05
C GLU B 391 -21.12 9.13 -29.65
N ALA B 392 -20.20 8.65 -28.81
CA ALA B 392 -18.86 8.33 -29.27
C ALA B 392 -18.91 7.22 -30.31
N LYS B 393 -19.67 6.16 -30.03
CA LYS B 393 -19.80 5.05 -30.96
C LYS B 393 -20.41 5.54 -32.27
N GLU B 394 -21.49 6.32 -32.16
CA GLU B 394 -22.17 6.84 -33.35
C GLU B 394 -21.23 7.68 -34.22
N ARG B 395 -20.47 8.57 -33.59
CA ARG B 395 -19.56 9.44 -34.34
C ARG B 395 -18.47 8.63 -35.02
N ALA B 396 -17.92 7.65 -34.33
CA ALA B 396 -16.87 6.81 -34.89
C ALA B 396 -17.38 6.08 -36.13
N TYR B 397 -18.54 5.42 -36.01
CA TYR B 397 -19.09 4.69 -37.13
C TYR B 397 -19.53 5.62 -38.27
N GLU B 398 -19.91 6.84 -37.91
CA GLU B 398 -20.30 7.82 -38.92
C GLU B 398 -19.07 8.19 -39.73
N ALA B 399 -17.93 8.34 -39.04
CA ALA B 399 -16.69 8.68 -39.71
C ALA B 399 -16.28 7.57 -40.68
N ILE B 400 -16.49 6.33 -40.26
CA ILE B 400 -16.13 5.18 -41.09
C ILE B 400 -16.82 5.20 -42.46
N ARG B 401 -17.97 5.86 -42.53
CA ARG B 401 -18.70 5.95 -43.79
C ARG B 401 -17.90 6.71 -44.85
N TYR B 402 -16.97 7.55 -44.39
CA TYR B 402 -16.19 8.38 -45.29
C TYR B 402 -14.79 7.90 -45.62
N VAL B 403 -14.37 6.79 -45.01
CA VAL B 403 -13.04 6.26 -45.29
C VAL B 403 -13.19 4.91 -46.00
N CYS B 404 -12.19 4.50 -46.75
CA CYS B 404 -12.32 3.25 -47.48
C CYS B 404 -11.04 2.73 -48.13
N PHE B 405 -10.94 1.40 -48.17
CA PHE B 405 -9.83 0.73 -48.83
C PHE B 405 -10.33 -0.68 -49.10
N GLU B 406 -9.89 -1.25 -50.23
CA GLU B 406 -10.31 -2.58 -50.62
C GLU B 406 -10.11 -3.64 -49.54
N GLY B 407 -11.15 -4.44 -49.31
CA GLY B 407 -11.08 -5.52 -48.33
C GLY B 407 -11.14 -5.10 -46.87
N MET B 408 -11.43 -3.83 -46.62
CA MET B 408 -11.50 -3.33 -45.25
C MET B 408 -12.52 -4.11 -44.42
N HIS B 409 -12.16 -4.41 -43.18
CA HIS B 409 -13.03 -5.11 -42.25
C HIS B 409 -12.96 -4.48 -40.87
N TYR B 410 -14.12 -4.36 -40.23
CA TYR B 410 -14.21 -3.79 -38.90
C TYR B 410 -15.44 -4.34 -38.19
N ARG B 411 -15.43 -4.30 -36.87
CA ARG B 411 -16.56 -4.77 -36.08
C ARG B 411 -17.50 -3.61 -35.86
N LYS B 412 -18.80 -3.90 -35.81
CA LYS B 412 -19.81 -2.87 -35.61
C LYS B 412 -20.36 -2.89 -34.19
N ASP B 413 -19.79 -3.74 -33.35
CA ASP B 413 -20.27 -3.86 -31.97
C ASP B 413 -19.30 -3.36 -30.92
N ILE B 414 -18.39 -2.48 -31.31
CA ILE B 414 -17.42 -1.94 -30.36
C ILE B 414 -18.15 -1.10 -29.32
N GLY B 415 -18.01 -1.48 -28.05
CA GLY B 415 -18.67 -0.77 -26.97
C GLY B 415 -20.01 -1.33 -26.54
N ASP B 416 -20.55 -2.26 -27.33
CA ASP B 416 -21.86 -2.85 -27.05
C ASP B 416 -22.00 -3.54 -25.68
N LYS B 417 -20.91 -4.03 -25.12
CA LYS B 417 -20.99 -4.70 -23.83
C LYS B 417 -21.17 -3.71 -22.68
N ALA B 418 -20.84 -2.44 -22.91
CA ALA B 418 -20.94 -1.42 -21.88
C ALA B 418 -22.33 -0.85 -21.62
N PHE B 419 -23.18 -0.86 -22.64
CA PHE B 419 -24.51 -0.27 -22.51
C PHE B 419 -25.41 -0.84 -21.42
N LYS B 420 -25.29 -2.13 -21.14
CA LYS B 420 -26.12 -2.75 -20.10
C LYS B 420 -25.77 -2.21 -18.71
N TYR B 421 -24.65 -1.48 -18.63
CA TYR B 421 -24.21 -0.91 -17.36
C TYR B 421 -24.54 0.58 -17.29
N LEU B 422 -24.89 1.18 -18.42
CA LEU B 422 -25.15 2.61 -18.48
C LEU B 422 -26.61 3.05 -18.57
N SER B 423 -26.81 4.35 -18.34
CA SER B 423 -28.11 4.98 -18.39
C SER B 423 -28.01 6.29 -19.18
#